data_6SY2
#
_entry.id   6SY2
#
_entity_poly.entity_id   1
_entity_poly.type   'polypeptide(L)'
_entity_poly.pdbx_seq_one_letter_code
;SQMSDLPVKVIHVESGKILTGTDAPKAGQLEAWLEMNPGYEVAPRSDSE
;
_entity_poly.pdbx_strand_id   A
#
# COMPACT_ATOMS: atom_id res chain seq x y z
N SER A 1 -13.77 12.58 -1.46
CA SER A 1 -12.94 11.84 -0.48
C SER A 1 -11.47 12.24 -0.59
N GLN A 2 -10.72 12.05 0.49
CA GLN A 2 -9.30 12.38 0.51
C GLN A 2 -8.44 11.13 0.37
N MET A 3 -7.19 11.31 -0.05
CA MET A 3 -6.27 10.20 -0.22
C MET A 3 -6.10 9.42 1.08
N SER A 4 -6.21 10.13 2.21
CA SER A 4 -6.06 9.51 3.52
C SER A 4 -7.15 8.47 3.76
N ASP A 5 -8.28 8.63 3.07
CA ASP A 5 -9.39 7.70 3.21
C ASP A 5 -9.28 6.56 2.21
N LEU A 6 -8.65 6.82 1.08
CA LEU A 6 -8.47 5.81 0.03
C LEU A 6 -7.29 4.89 0.36
N PRO A 7 -7.39 3.60 -0.04
CA PRO A 7 -6.34 2.63 0.21
C PRO A 7 -5.13 2.82 -0.71
N VAL A 8 -3.96 2.44 -0.23
CA VAL A 8 -2.73 2.57 -1.00
C VAL A 8 -2.09 1.22 -1.24
N LYS A 9 -1.78 0.92 -2.50
CA LYS A 9 -1.15 -0.35 -2.86
C LYS A 9 0.26 -0.44 -2.29
N VAL A 10 0.85 -1.62 -2.38
CA VAL A 10 2.20 -1.85 -1.88
C VAL A 10 2.85 -3.05 -2.55
N ILE A 11 4.18 -3.07 -2.54
CA ILE A 11 4.92 -4.16 -3.14
C ILE A 11 5.86 -4.80 -2.13
N HIS A 12 5.78 -6.11 -1.99
CA HIS A 12 6.63 -6.84 -1.06
C HIS A 12 7.91 -7.31 -1.76
N VAL A 13 9.05 -7.09 -1.11
CA VAL A 13 10.34 -7.48 -1.66
C VAL A 13 10.68 -8.92 -1.30
N GLU A 14 10.27 -9.33 -0.11
CA GLU A 14 10.55 -10.69 0.37
C GLU A 14 9.75 -11.72 -0.42
N SER A 15 8.55 -11.36 -0.86
CA SER A 15 7.69 -12.26 -1.62
C SER A 15 7.53 -11.79 -3.06
N GLY A 16 7.73 -10.50 -3.30
CA GLY A 16 7.60 -9.96 -4.64
C GLY A 16 6.15 -9.71 -5.04
N LYS A 17 5.23 -10.02 -4.13
CA LYS A 17 3.81 -9.83 -4.40
C LYS A 17 3.42 -8.36 -4.29
N ILE A 18 2.43 -7.95 -5.08
CA ILE A 18 1.96 -6.57 -5.06
C ILE A 18 0.51 -6.49 -4.58
N LEU A 19 0.29 -5.85 -3.44
CA LEU A 19 -1.05 -5.70 -2.89
C LEU A 19 -1.76 -4.49 -3.50
N THR A 20 -2.96 -4.72 -4.00
CA THR A 20 -3.75 -3.63 -4.59
C THR A 20 -4.54 -2.90 -3.52
N GLY A 21 -5.07 -1.74 -3.86
CA GLY A 21 -5.85 -0.97 -2.90
C GLY A 21 -6.92 -1.79 -2.21
N THR A 22 -7.32 -2.89 -2.84
CA THR A 22 -8.35 -3.76 -2.29
C THR A 22 -7.87 -4.51 -1.07
N ASP A 23 -6.65 -5.06 -1.13
CA ASP A 23 -6.10 -5.83 -0.02
C ASP A 23 -5.16 -4.98 0.84
N ALA A 24 -4.53 -3.99 0.21
CA ALA A 24 -3.59 -3.12 0.90
C ALA A 24 -4.29 -2.34 2.01
N PRO A 25 -3.53 -1.88 3.02
CA PRO A 25 -4.07 -1.12 4.15
C PRO A 25 -4.45 0.30 3.76
N LYS A 26 -5.25 0.95 4.60
CA LYS A 26 -5.68 2.33 4.34
C LYS A 26 -4.52 3.29 4.57
N ALA A 27 -4.66 4.51 4.07
CA ALA A 27 -3.62 5.51 4.23
C ALA A 27 -3.39 5.85 5.69
N GLY A 28 -4.44 5.77 6.49
CA GLY A 28 -4.33 6.07 7.91
C GLY A 28 -3.63 4.98 8.71
N GLN A 29 -3.87 3.73 8.34
CA GLN A 29 -3.24 2.61 9.05
C GLN A 29 -2.09 2.01 8.26
N LEU A 30 -1.75 2.60 7.13
CA LEU A 30 -0.66 2.11 6.29
C LEU A 30 0.66 2.08 7.07
N GLU A 31 0.95 3.17 7.76
CA GLU A 31 2.18 3.28 8.54
C GLU A 31 2.33 2.10 9.50
N ALA A 32 1.23 1.76 10.18
CA ALA A 32 1.23 0.65 11.12
C ALA A 32 1.35 -0.68 10.40
N TRP A 33 0.72 -0.79 9.24
CA TRP A 33 0.75 -2.01 8.45
C TRP A 33 2.16 -2.28 7.93
N LEU A 34 2.80 -1.24 7.41
CA LEU A 34 4.15 -1.36 6.88
C LEU A 34 5.13 -1.69 7.99
N GLU A 35 4.95 -1.03 9.14
CA GLU A 35 5.83 -1.26 10.29
C GLU A 35 5.74 -2.71 10.75
N MET A 36 4.53 -3.26 10.75
CA MET A 36 4.31 -4.64 11.17
C MET A 36 4.73 -5.61 10.06
N ASN A 37 4.46 -5.23 8.82
CA ASN A 37 4.80 -6.07 7.68
C ASN A 37 5.98 -5.46 6.91
N PRO A 38 7.22 -5.72 7.39
CA PRO A 38 8.43 -5.20 6.74
C PRO A 38 8.68 -5.84 5.38
N GLY A 39 9.31 -5.09 4.49
CA GLY A 39 9.62 -5.59 3.16
C GLY A 39 8.69 -5.01 2.10
N TYR A 40 7.62 -4.37 2.52
CA TYR A 40 6.67 -3.78 1.60
C TYR A 40 7.04 -2.34 1.27
N GLU A 41 6.51 -1.82 0.16
CA GLU A 41 6.78 -0.46 -0.26
C GLU A 41 5.60 0.11 -1.02
N VAL A 42 5.37 1.42 -0.86
CA VAL A 42 4.27 2.09 -1.54
C VAL A 42 4.34 1.89 -3.05
N ALA A 43 3.24 1.42 -3.64
CA ALA A 43 3.17 1.18 -5.07
C ALA A 43 2.76 2.45 -5.82
N PRO A 44 3.10 2.54 -7.11
CA PRO A 44 2.75 3.71 -7.94
C PRO A 44 1.26 3.80 -8.21
N ARG A 45 0.79 5.00 -8.52
CA ARG A 45 -0.63 5.22 -8.82
C ARG A 45 -0.94 4.88 -10.28
N SER A 46 -2.16 5.18 -10.69
CA SER A 46 -2.59 4.91 -12.06
C SER A 46 -2.99 6.21 -12.77
N ASP A 47 -2.32 7.30 -12.40
CA ASP A 47 -2.60 8.60 -13.00
C ASP A 47 -1.89 8.73 -14.35
N SER A 48 -0.58 8.89 -14.32
CA SER A 48 0.21 9.02 -15.53
C SER A 48 -0.23 10.26 -16.33
N GLU A 49 0.57 10.63 -17.31
CA GLU A 49 0.27 11.79 -18.14
C GLU A 49 -0.62 11.40 -19.33
N SER A 1 -13.64 11.40 -3.42
CA SER A 1 -13.67 12.71 -2.73
C SER A 1 -12.36 12.99 -2.01
N GLN A 2 -12.06 12.19 -1.01
CA GLN A 2 -10.83 12.35 -0.23
C GLN A 2 -9.80 11.29 -0.61
N MET A 3 -8.64 11.73 -1.08
CA MET A 3 -7.58 10.82 -1.48
C MET A 3 -7.00 10.11 -0.27
N SER A 4 -6.80 10.85 0.82
CA SER A 4 -6.25 10.28 2.05
C SER A 4 -7.11 9.13 2.55
N ASP A 5 -8.40 9.14 2.20
CA ASP A 5 -9.32 8.10 2.61
C ASP A 5 -9.15 6.85 1.76
N LEU A 6 -8.71 7.03 0.52
CA LEU A 6 -8.51 5.91 -0.39
C LEU A 6 -7.30 5.07 0.03
N PRO A 7 -7.36 3.75 -0.20
CA PRO A 7 -6.27 2.85 0.16
C PRO A 7 -5.08 2.97 -0.79
N VAL A 8 -3.89 2.59 -0.31
CA VAL A 8 -2.68 2.66 -1.12
C VAL A 8 -2.09 1.27 -1.33
N LYS A 9 -1.73 0.97 -2.56
CA LYS A 9 -1.14 -0.33 -2.90
C LYS A 9 0.23 -0.48 -2.26
N VAL A 10 0.76 -1.69 -2.32
CA VAL A 10 2.07 -1.98 -1.75
C VAL A 10 2.69 -3.22 -2.41
N ILE A 11 4.00 -3.38 -2.25
CA ILE A 11 4.70 -4.52 -2.84
C ILE A 11 5.81 -5.03 -1.93
N HIS A 12 5.80 -6.33 -1.67
CA HIS A 12 6.82 -6.95 -0.83
C HIS A 12 8.07 -7.28 -1.64
N VAL A 13 9.22 -6.94 -1.11
CA VAL A 13 10.49 -7.19 -1.80
C VAL A 13 11.00 -8.60 -1.51
N GLU A 14 10.57 -9.17 -0.38
CA GLU A 14 10.99 -10.51 0.01
C GLU A 14 10.40 -11.57 -0.92
N SER A 15 9.17 -11.37 -1.36
CA SER A 15 8.50 -12.31 -2.25
C SER A 15 8.18 -11.69 -3.60
N GLY A 16 8.06 -10.35 -3.63
CA GLY A 16 7.75 -9.67 -4.86
C GLY A 16 6.27 -9.54 -5.11
N LYS A 17 5.45 -9.90 -4.11
CA LYS A 17 4.00 -9.81 -4.24
C LYS A 17 3.53 -8.38 -4.10
N ILE A 18 2.52 -8.01 -4.89
CA ILE A 18 1.97 -6.66 -4.84
C ILE A 18 0.50 -6.66 -4.45
N LEU A 19 0.19 -5.97 -3.36
CA LEU A 19 -1.18 -5.89 -2.87
C LEU A 19 -1.90 -4.69 -3.48
N THR A 20 -3.16 -4.89 -3.87
CA THR A 20 -3.95 -3.82 -4.46
C THR A 20 -4.62 -2.99 -3.38
N GLY A 21 -5.13 -1.82 -3.76
CA GLY A 21 -5.79 -0.96 -2.81
C GLY A 21 -6.94 -1.63 -2.08
N THR A 22 -7.43 -2.73 -2.62
CA THR A 22 -8.53 -3.46 -2.01
C THR A 22 -8.09 -4.20 -0.75
N ASP A 23 -6.92 -4.84 -0.81
CA ASP A 23 -6.40 -5.57 0.33
C ASP A 23 -5.36 -4.75 1.10
N ALA A 24 -4.77 -3.78 0.42
CA ALA A 24 -3.76 -2.93 1.03
C ALA A 24 -4.34 -2.14 2.21
N PRO A 25 -3.48 -1.71 3.14
CA PRO A 25 -3.91 -0.95 4.32
C PRO A 25 -4.25 0.50 3.99
N LYS A 26 -5.07 1.12 4.81
CA LYS A 26 -5.47 2.51 4.60
C LYS A 26 -4.31 3.45 4.95
N ALA A 27 -4.45 4.72 4.57
CA ALA A 27 -3.41 5.71 4.85
C ALA A 27 -3.22 5.89 6.35
N GLY A 28 -4.28 5.70 7.11
CA GLY A 28 -4.21 5.85 8.56
C GLY A 28 -3.49 4.71 9.26
N GLN A 29 -3.68 3.49 8.75
CA GLN A 29 -3.05 2.32 9.35
C GLN A 29 -1.88 1.80 8.51
N LEU A 30 -1.55 2.51 7.44
CA LEU A 30 -0.46 2.10 6.56
C LEU A 30 0.85 1.97 7.33
N GLU A 31 1.21 3.02 8.06
CA GLU A 31 2.44 3.02 8.85
C GLU A 31 2.51 1.79 9.75
N ALA A 32 1.40 1.48 10.40
CA ALA A 32 1.33 0.33 11.29
C ALA A 32 1.41 -0.97 10.52
N TRP A 33 0.81 -0.98 9.33
CA TRP A 33 0.82 -2.16 8.48
C TRP A 33 2.24 -2.46 7.99
N LEU A 34 2.90 -1.45 7.45
CA LEU A 34 4.26 -1.61 6.96
C LEU A 34 5.20 -2.05 8.08
N GLU A 35 5.03 -1.43 9.25
CA GLU A 35 5.85 -1.76 10.40
C GLU A 35 5.67 -3.23 10.79
N MET A 36 4.43 -3.70 10.74
CA MET A 36 4.12 -5.09 11.07
C MET A 36 4.50 -6.03 9.93
N ASN A 37 4.52 -5.50 8.71
CA ASN A 37 4.87 -6.29 7.53
C ASN A 37 6.06 -5.68 6.80
N PRO A 38 7.27 -5.92 7.31
CA PRO A 38 8.51 -5.39 6.71
C PRO A 38 8.76 -5.96 5.31
N GLY A 39 9.30 -5.11 4.44
CA GLY A 39 9.59 -5.53 3.08
C GLY A 39 8.60 -4.99 2.07
N TYR A 40 7.54 -4.35 2.56
CA TYR A 40 6.52 -3.78 1.68
C TYR A 40 6.77 -2.30 1.43
N GLU A 41 6.33 -1.83 0.27
CA GLU A 41 6.48 -0.43 -0.10
C GLU A 41 5.29 0.03 -0.94
N VAL A 42 4.90 1.29 -0.78
CA VAL A 42 3.77 1.83 -1.52
C VAL A 42 3.94 1.64 -3.02
N ALA A 43 2.90 1.13 -3.67
CA ALA A 43 2.93 0.90 -5.11
C ALA A 43 2.36 2.09 -5.87
N PRO A 44 3.23 2.91 -6.50
CA PRO A 44 2.80 4.08 -7.26
C PRO A 44 2.05 3.70 -8.53
N ARG A 45 1.26 4.64 -9.06
CA ARG A 45 0.50 4.41 -10.27
C ARG A 45 0.62 5.58 -11.22
N SER A 46 0.77 5.28 -12.51
CA SER A 46 0.89 6.32 -13.53
C SER A 46 -0.43 6.54 -14.25
N ASP A 47 -1.53 6.41 -13.53
CA ASP A 47 -2.86 6.58 -14.10
C ASP A 47 -3.75 7.41 -13.17
N SER A 48 -4.58 8.26 -13.77
CA SER A 48 -5.48 9.11 -12.99
C SER A 48 -6.71 9.48 -13.81
N GLU A 49 -6.49 9.98 -15.02
CA GLU A 49 -7.58 10.37 -15.91
C GLU A 49 -7.88 9.27 -16.91
N SER A 1 -8.63 16.10 1.84
CA SER A 1 -8.46 14.72 2.40
C SER A 1 -9.37 13.73 1.69
N GLN A 2 -9.64 13.99 0.41
CA GLN A 2 -10.50 13.12 -0.38
C GLN A 2 -9.77 11.82 -0.73
N MET A 3 -8.53 11.95 -1.17
CA MET A 3 -7.73 10.79 -1.54
C MET A 3 -7.04 10.18 -0.31
N SER A 4 -6.80 11.01 0.70
CA SER A 4 -6.16 10.56 1.93
C SER A 4 -6.93 9.39 2.56
N ASP A 5 -8.23 9.34 2.30
CA ASP A 5 -9.07 8.28 2.84
C ASP A 5 -9.22 7.12 1.85
N LEU A 6 -8.31 7.06 0.88
CA LEU A 6 -8.35 6.00 -0.13
C LEU A 6 -7.24 4.98 0.13
N PRO A 7 -7.44 3.72 -0.30
CA PRO A 7 -6.47 2.65 -0.11
C PRO A 7 -5.25 2.81 -1.02
N VAL A 8 -4.08 2.45 -0.49
CA VAL A 8 -2.83 2.56 -1.25
C VAL A 8 -2.18 1.19 -1.42
N LYS A 9 -2.10 0.73 -2.67
CA LYS A 9 -1.50 -0.56 -2.96
C LYS A 9 -0.02 -0.56 -2.59
N VAL A 10 0.46 -1.71 -2.10
CA VAL A 10 1.86 -1.83 -1.69
C VAL A 10 2.58 -2.90 -2.51
N ILE A 11 3.90 -2.85 -2.47
CA ILE A 11 4.74 -3.80 -3.20
C ILE A 11 5.70 -4.50 -2.24
N HIS A 12 5.69 -5.83 -2.28
CA HIS A 12 6.58 -6.62 -1.41
C HIS A 12 7.84 -7.02 -2.16
N VAL A 13 8.99 -6.59 -1.66
CA VAL A 13 10.27 -6.91 -2.29
C VAL A 13 10.83 -8.23 -1.76
N GLU A 14 10.57 -8.51 -0.49
CA GLU A 14 11.05 -9.73 0.14
C GLU A 14 10.35 -10.96 -0.43
N SER A 15 9.08 -10.81 -0.76
CA SER A 15 8.29 -11.91 -1.32
C SER A 15 7.96 -11.67 -2.79
N GLY A 16 7.97 -10.40 -3.20
CA GLY A 16 7.66 -10.08 -4.59
C GLY A 16 6.18 -9.94 -4.84
N LYS A 17 5.36 -10.25 -3.83
CA LYS A 17 3.91 -10.15 -3.96
C LYS A 17 3.48 -8.69 -4.06
N ILE A 18 2.31 -8.46 -4.67
CA ILE A 18 1.79 -7.12 -4.83
C ILE A 18 0.36 -7.01 -4.30
N LEU A 19 0.15 -6.12 -3.33
CA LEU A 19 -1.16 -5.93 -2.75
C LEU A 19 -1.80 -4.65 -3.30
N THR A 20 -3.00 -4.79 -3.86
CA THR A 20 -3.71 -3.64 -4.42
C THR A 20 -4.50 -2.93 -3.33
N GLY A 21 -4.96 -1.72 -3.62
CA GLY A 21 -5.70 -0.95 -2.65
C GLY A 21 -6.79 -1.76 -1.96
N THR A 22 -7.26 -2.80 -2.64
CA THR A 22 -8.31 -3.65 -2.08
C THR A 22 -7.83 -4.40 -0.84
N ASP A 23 -6.62 -4.95 -0.89
CA ASP A 23 -6.06 -5.69 0.23
C ASP A 23 -5.11 -4.82 1.06
N ALA A 24 -4.56 -3.79 0.42
CA ALA A 24 -3.62 -2.89 1.09
C ALA A 24 -4.27 -2.17 2.26
N PRO A 25 -3.46 -1.72 3.23
CA PRO A 25 -3.95 -1.01 4.41
C PRO A 25 -4.36 0.43 4.09
N LYS A 26 -5.12 1.04 5.00
CA LYS A 26 -5.57 2.42 4.81
C LYS A 26 -4.41 3.39 5.00
N ALA A 27 -4.68 4.67 4.79
CA ALA A 27 -3.65 5.69 4.93
C ALA A 27 -3.07 5.71 6.34
N GLY A 28 -3.95 5.72 7.33
CA GLY A 28 -3.51 5.74 8.72
C GLY A 28 -2.97 4.40 9.19
N GLN A 29 -3.58 3.32 8.72
CA GLN A 29 -3.15 1.98 9.11
C GLN A 29 -1.94 1.51 8.30
N LEU A 30 -1.58 2.26 7.26
CA LEU A 30 -0.45 1.91 6.42
C LEU A 30 0.84 1.82 7.24
N GLU A 31 1.14 2.88 7.97
CA GLU A 31 2.35 2.93 8.80
C GLU A 31 2.44 1.71 9.70
N ALA A 32 1.36 1.41 10.40
CA ALA A 32 1.31 0.27 11.29
C ALA A 32 1.39 -1.03 10.52
N TRP A 33 0.78 -1.06 9.33
CA TRP A 33 0.78 -2.23 8.49
C TRP A 33 2.20 -2.53 7.97
N LEU A 34 2.92 -1.47 7.65
CA LEU A 34 4.29 -1.61 7.16
C LEU A 34 5.21 -2.12 8.27
N GLU A 35 5.03 -1.57 9.47
CA GLU A 35 5.84 -1.96 10.61
C GLU A 35 5.62 -3.44 10.92
N MET A 36 4.37 -3.89 10.84
CA MET A 36 4.04 -5.29 11.09
C MET A 36 4.41 -6.17 9.92
N ASN A 37 4.30 -5.61 8.71
CA ASN A 37 4.62 -6.35 7.49
C ASN A 37 5.82 -5.72 6.78
N PRO A 38 7.05 -6.00 7.26
CA PRO A 38 8.27 -5.45 6.66
C PRO A 38 8.55 -6.03 5.28
N GLY A 39 9.16 -5.23 4.43
CA GLY A 39 9.48 -5.66 3.09
C GLY A 39 8.57 -5.06 2.04
N TYR A 40 7.51 -4.39 2.50
CA TYR A 40 6.55 -3.78 1.58
C TYR A 40 6.88 -2.31 1.33
N GLU A 41 6.33 -1.75 0.27
CA GLU A 41 6.57 -0.36 -0.09
C GLU A 41 5.36 0.22 -0.81
N VAL A 42 5.34 1.55 -0.97
CA VAL A 42 4.24 2.22 -1.65
C VAL A 42 4.32 2.00 -3.16
N ALA A 43 3.30 1.37 -3.72
CA ALA A 43 3.24 1.09 -5.15
C ALA A 43 2.77 2.32 -5.92
N PRO A 44 3.38 2.60 -7.09
CA PRO A 44 3.00 3.75 -7.92
C PRO A 44 1.71 3.51 -8.68
N ARG A 45 1.06 4.59 -9.10
CA ARG A 45 -0.19 4.50 -9.84
C ARG A 45 0.02 3.79 -11.17
N SER A 46 -0.82 2.79 -11.43
CA SER A 46 -0.73 2.02 -12.67
C SER A 46 -1.77 2.50 -13.69
N ASP A 47 -2.92 2.94 -13.19
CA ASP A 47 -3.99 3.43 -14.05
C ASP A 47 -3.76 4.89 -14.43
N SER A 48 -3.13 5.65 -13.54
CA SER A 48 -2.85 7.05 -13.79
C SER A 48 -1.68 7.22 -14.75
N GLU A 49 -1.89 8.01 -15.80
CA GLU A 49 -0.85 8.25 -16.80
C GLU A 49 0.03 9.43 -16.40
N SER A 1 -14.28 13.71 0.15
CA SER A 1 -13.30 12.99 -0.70
C SER A 1 -11.87 13.38 -0.34
N GLN A 2 -10.99 12.39 -0.31
CA GLN A 2 -9.59 12.63 0.03
C GLN A 2 -8.71 11.45 -0.41
N MET A 3 -7.40 11.68 -0.45
CA MET A 3 -6.46 10.64 -0.84
C MET A 3 -6.14 9.72 0.33
N SER A 4 -6.16 10.28 1.54
CA SER A 4 -5.88 9.51 2.75
C SER A 4 -6.97 8.48 3.02
N ASP A 5 -8.19 8.78 2.55
CA ASP A 5 -9.31 7.89 2.76
C ASP A 5 -9.25 6.70 1.79
N LEU A 6 -8.62 6.92 0.63
CA LEU A 6 -8.50 5.87 -0.37
C LEU A 6 -7.37 4.91 -0.01
N PRO A 7 -7.51 3.61 -0.38
CA PRO A 7 -6.50 2.60 -0.10
C PRO A 7 -5.26 2.75 -0.97
N VAL A 8 -4.10 2.52 -0.38
CA VAL A 8 -2.83 2.64 -1.11
C VAL A 8 -2.18 1.27 -1.28
N LYS A 9 -1.98 0.87 -2.53
CA LYS A 9 -1.37 -0.42 -2.83
C LYS A 9 0.03 -0.50 -2.22
N VAL A 10 0.65 -1.68 -2.33
CA VAL A 10 1.98 -1.89 -1.80
C VAL A 10 2.67 -3.05 -2.49
N ILE A 11 4.00 -3.05 -2.48
CA ILE A 11 4.78 -4.12 -3.09
C ILE A 11 5.74 -4.73 -2.09
N HIS A 12 5.69 -6.05 -1.96
CA HIS A 12 6.55 -6.78 -1.04
C HIS A 12 7.87 -7.17 -1.72
N VAL A 13 8.98 -6.93 -1.05
CA VAL A 13 10.29 -7.26 -1.59
C VAL A 13 10.68 -8.70 -1.28
N GLU A 14 10.18 -9.21 -0.16
CA GLU A 14 10.49 -10.57 0.26
C GLU A 14 9.84 -11.60 -0.65
N SER A 15 8.63 -11.29 -1.12
CA SER A 15 7.90 -12.20 -2.01
C SER A 15 7.77 -11.62 -3.41
N GLY A 16 7.85 -10.29 -3.51
CA GLY A 16 7.73 -9.64 -4.81
C GLY A 16 6.29 -9.45 -5.23
N LYS A 17 5.35 -9.81 -4.36
CA LYS A 17 3.93 -9.67 -4.65
C LYS A 17 3.48 -8.23 -4.50
N ILE A 18 2.46 -7.84 -5.26
CA ILE A 18 1.93 -6.49 -5.22
C ILE A 18 0.49 -6.48 -4.73
N LEU A 19 0.26 -5.94 -3.54
CA LEU A 19 -1.08 -5.88 -2.97
C LEU A 19 -1.85 -4.69 -3.52
N THR A 20 -3.09 -4.92 -3.93
CA THR A 20 -3.93 -3.86 -4.48
C THR A 20 -4.63 -3.12 -3.35
N GLY A 21 -5.20 -1.96 -3.66
CA GLY A 21 -5.90 -1.18 -2.66
C GLY A 21 -6.92 -2.00 -1.88
N THR A 22 -7.34 -3.12 -2.46
CA THR A 22 -8.32 -3.98 -1.82
C THR A 22 -7.74 -4.70 -0.60
N ASP A 23 -6.51 -5.21 -0.74
CA ASP A 23 -5.85 -5.93 0.35
C ASP A 23 -4.88 -5.02 1.11
N ALA A 24 -4.31 -4.06 0.40
CA ALA A 24 -3.36 -3.13 1.00
C ALA A 24 -4.00 -2.31 2.11
N PRO A 25 -3.19 -1.79 3.04
CA PRO A 25 -3.69 -0.99 4.17
C PRO A 25 -4.08 0.42 3.74
N LYS A 26 -4.86 1.09 4.60
CA LYS A 26 -5.29 2.45 4.31
C LYS A 26 -4.25 3.46 4.76
N ALA A 27 -4.29 4.64 4.18
CA ALA A 27 -3.33 5.69 4.51
C ALA A 27 -3.30 5.96 6.02
N GLY A 28 -4.42 5.68 6.69
CA GLY A 28 -4.50 5.91 8.12
C GLY A 28 -3.73 4.90 8.93
N GLN A 29 -3.71 3.63 8.49
CA GLN A 29 -3.02 2.58 9.21
C GLN A 29 -1.86 2.00 8.40
N LEU A 30 -1.47 2.69 7.34
CA LEU A 30 -0.39 2.23 6.47
C LEU A 30 0.91 2.10 7.26
N GLU A 31 1.28 3.15 7.98
CA GLU A 31 2.51 3.15 8.77
C GLU A 31 2.55 1.95 9.71
N ALA A 32 1.43 1.66 10.35
CA ALA A 32 1.33 0.53 11.26
C ALA A 32 1.39 -0.79 10.51
N TRP A 33 0.75 -0.82 9.34
CA TRP A 33 0.74 -2.02 8.52
C TRP A 33 2.14 -2.35 8.02
N LEU A 34 2.87 -1.32 7.61
CA LEU A 34 4.23 -1.50 7.11
C LEU A 34 5.15 -1.96 8.24
N GLU A 35 4.96 -1.37 9.42
CA GLU A 35 5.76 -1.72 10.58
C GLU A 35 5.58 -3.20 10.93
N MET A 36 4.34 -3.67 10.83
CA MET A 36 4.04 -5.07 11.13
C MET A 36 4.46 -5.96 9.96
N ASN A 37 4.28 -5.44 8.75
CA ASN A 37 4.64 -6.19 7.54
C ASN A 37 5.82 -5.54 6.84
N PRO A 38 7.05 -5.76 7.36
CA PRO A 38 8.25 -5.18 6.77
C PRO A 38 8.57 -5.75 5.39
N GLY A 39 9.19 -4.92 4.55
CA GLY A 39 9.53 -5.35 3.21
C GLY A 39 8.61 -4.78 2.16
N TYR A 40 7.44 -4.31 2.58
CA TYR A 40 6.47 -3.74 1.66
C TYR A 40 6.79 -2.26 1.38
N GLU A 41 6.28 -1.76 0.26
CA GLU A 41 6.51 -0.37 -0.13
C GLU A 41 5.32 0.16 -0.91
N VAL A 42 5.02 1.45 -0.74
CA VAL A 42 3.91 2.08 -1.42
C VAL A 42 4.01 1.89 -2.94
N ALA A 43 2.94 1.37 -3.54
CA ALA A 43 2.93 1.14 -4.98
C ALA A 43 2.69 2.44 -5.74
N PRO A 44 3.14 2.50 -7.01
CA PRO A 44 2.97 3.70 -7.84
C PRO A 44 1.53 3.92 -8.27
N ARG A 45 1.21 5.16 -8.63
CA ARG A 45 -0.15 5.51 -9.06
C ARG A 45 -0.35 5.17 -10.53
N SER A 46 -1.60 5.28 -10.99
CA SER A 46 -1.93 5.00 -12.39
C SER A 46 -2.03 6.28 -13.20
N ASP A 47 -1.23 7.28 -12.82
CA ASP A 47 -1.22 8.55 -13.51
C ASP A 47 0.12 8.79 -14.20
N SER A 48 0.26 9.96 -14.84
CA SER A 48 1.50 10.31 -15.52
C SER A 48 1.46 11.76 -15.99
N GLU A 49 2.45 12.53 -15.59
CA GLU A 49 2.53 13.94 -15.99
C GLU A 49 3.97 14.46 -15.85
N SER A 1 -13.76 11.88 -2.31
CA SER A 1 -13.09 13.20 -2.52
C SER A 1 -11.74 13.23 -1.81
N GLN A 2 -11.72 12.82 -0.55
CA GLN A 2 -10.48 12.81 0.23
C GLN A 2 -9.58 11.67 -0.20
N MET A 3 -8.30 11.98 -0.39
CA MET A 3 -7.33 10.98 -0.82
C MET A 3 -6.86 10.13 0.36
N SER A 4 -6.81 10.74 1.54
CA SER A 4 -6.38 10.04 2.75
C SER A 4 -7.30 8.86 3.04
N ASP A 5 -8.55 8.96 2.61
CA ASP A 5 -9.53 7.89 2.82
C ASP A 5 -9.30 6.74 1.86
N LEU A 6 -8.72 7.03 0.70
CA LEU A 6 -8.46 6.02 -0.31
C LEU A 6 -7.28 5.13 0.11
N PRO A 7 -7.34 3.83 -0.23
CA PRO A 7 -6.27 2.88 0.10
C PRO A 7 -5.06 3.02 -0.80
N VAL A 8 -3.89 2.64 -0.28
CA VAL A 8 -2.66 2.73 -1.06
C VAL A 8 -2.03 1.35 -1.23
N LYS A 9 -1.82 0.94 -2.47
CA LYS A 9 -1.22 -0.36 -2.77
C LYS A 9 0.19 -0.43 -2.24
N VAL A 10 0.81 -1.60 -2.38
CA VAL A 10 2.19 -1.80 -1.92
C VAL A 10 2.84 -2.98 -2.62
N ILE A 11 4.17 -3.00 -2.63
CA ILE A 11 4.92 -4.07 -3.27
C ILE A 11 5.90 -4.70 -2.28
N HIS A 12 5.83 -6.02 -2.15
CA HIS A 12 6.70 -6.75 -1.25
C HIS A 12 7.99 -7.16 -1.96
N VAL A 13 9.13 -6.83 -1.37
CA VAL A 13 10.42 -7.16 -1.96
C VAL A 13 10.88 -8.55 -1.49
N GLU A 14 10.64 -8.85 -0.22
CA GLU A 14 11.03 -10.13 0.35
C GLU A 14 10.21 -11.28 -0.24
N SER A 15 8.97 -10.98 -0.62
CA SER A 15 8.09 -12.00 -1.19
C SER A 15 7.79 -11.74 -2.65
N GLY A 16 7.92 -10.48 -3.08
CA GLY A 16 7.66 -10.13 -4.46
C GLY A 16 6.17 -10.00 -4.76
N LYS A 17 5.34 -10.20 -3.74
CA LYS A 17 3.89 -10.10 -3.91
C LYS A 17 3.45 -8.64 -3.97
N ILE A 18 2.30 -8.40 -4.58
CA ILE A 18 1.77 -7.04 -4.70
C ILE A 18 0.33 -6.96 -4.20
N LEU A 19 0.07 -6.04 -3.28
CA LEU A 19 -1.28 -5.86 -2.74
C LEU A 19 -1.95 -4.63 -3.35
N THR A 20 -3.17 -4.81 -3.83
CA THR A 20 -3.92 -3.71 -4.43
C THR A 20 -4.65 -2.92 -3.36
N GLY A 21 -5.13 -1.73 -3.72
CA GLY A 21 -5.84 -0.90 -2.76
C GLY A 21 -6.99 -1.61 -2.08
N THR A 22 -7.44 -2.71 -2.68
CA THR A 22 -8.56 -3.47 -2.12
C THR A 22 -8.14 -4.24 -0.86
N ASP A 23 -6.97 -4.87 -0.90
CA ASP A 23 -6.46 -5.63 0.23
C ASP A 23 -5.47 -4.81 1.05
N ALA A 24 -4.85 -3.82 0.42
CA ALA A 24 -3.88 -2.97 1.07
C ALA A 24 -4.49 -2.22 2.25
N PRO A 25 -3.66 -1.80 3.22
CA PRO A 25 -4.12 -1.05 4.39
C PRO A 25 -4.54 0.37 4.05
N LYS A 26 -5.27 0.99 4.97
CA LYS A 26 -5.73 2.36 4.76
C LYS A 26 -4.57 3.35 4.89
N ALA A 27 -4.85 4.62 4.65
CA ALA A 27 -3.81 5.65 4.75
C ALA A 27 -3.22 5.71 6.15
N GLY A 28 -4.08 5.75 7.16
CA GLY A 28 -3.60 5.82 8.53
C GLY A 28 -3.07 4.49 9.03
N GLN A 29 -3.69 3.40 8.61
CA GLN A 29 -3.26 2.07 9.03
C GLN A 29 -2.07 1.56 8.22
N LEU A 30 -1.73 2.28 7.15
CA LEU A 30 -0.61 1.88 6.30
C LEU A 30 0.69 1.84 7.10
N GLU A 31 0.98 2.92 7.82
CA GLU A 31 2.20 3.00 8.62
C GLU A 31 2.34 1.80 9.55
N ALA A 32 1.24 1.45 10.22
CA ALA A 32 1.24 0.32 11.13
C ALA A 32 1.36 -1.00 10.38
N TRP A 33 0.72 -1.06 9.22
CA TRP A 33 0.75 -2.26 8.40
C TRP A 33 2.16 -2.54 7.90
N LEU A 34 2.77 -1.55 7.26
CA LEU A 34 4.12 -1.69 6.74
C LEU A 34 5.10 -2.02 7.87
N GLU A 35 4.95 -1.33 9.00
CA GLU A 35 5.80 -1.56 10.16
C GLU A 35 5.70 -3.01 10.62
N MET A 36 4.50 -3.56 10.57
CA MET A 36 4.25 -4.93 10.99
C MET A 36 4.64 -5.92 9.88
N ASN A 37 4.60 -5.45 8.63
CA ASN A 37 4.95 -6.29 7.49
C ASN A 37 6.10 -5.67 6.69
N PRO A 38 7.34 -5.82 7.18
CA PRO A 38 8.52 -5.27 6.51
C PRO A 38 8.73 -5.86 5.12
N GLY A 39 9.35 -5.10 4.24
CA GLY A 39 9.60 -5.57 2.89
C GLY A 39 8.66 -4.95 1.87
N TYR A 40 7.56 -4.38 2.33
CA TYR A 40 6.59 -3.76 1.45
C TYR A 40 6.92 -2.29 1.22
N GLU A 41 6.50 -1.77 0.06
CA GLU A 41 6.75 -0.38 -0.29
C GLU A 41 5.58 0.19 -1.08
N VAL A 42 5.39 1.50 -1.00
CA VAL A 42 4.30 2.17 -1.71
C VAL A 42 4.33 1.84 -3.20
N ALA A 43 3.21 1.35 -3.71
CA ALA A 43 3.11 1.00 -5.13
C ALA A 43 2.97 2.24 -6.00
N PRO A 44 3.94 2.48 -6.91
CA PRO A 44 3.91 3.64 -7.80
C PRO A 44 2.60 3.74 -8.58
N ARG A 45 2.29 4.95 -9.06
CA ARG A 45 1.06 5.17 -9.82
C ARG A 45 1.31 4.98 -11.32
N SER A 46 0.38 4.31 -11.99
CA SER A 46 0.50 4.06 -13.42
C SER A 46 -0.33 5.08 -14.21
N ASP A 47 -0.45 6.28 -13.68
CA ASP A 47 -1.20 7.34 -14.33
C ASP A 47 -0.68 8.72 -13.94
N SER A 48 -1.36 9.77 -14.40
CA SER A 48 -0.97 11.13 -14.09
C SER A 48 -2.19 12.02 -13.88
N GLU A 49 -3.11 11.97 -14.82
CA GLU A 49 -4.33 12.77 -14.73
C GLU A 49 -5.33 12.14 -13.77
N SER A 1 -7.67 15.82 -0.49
CA SER A 1 -9.16 15.85 -0.40
C SER A 1 -9.68 14.62 0.34
N GLN A 2 -9.35 13.45 -0.16
CA GLN A 2 -9.79 12.20 0.44
C GLN A 2 -8.87 11.05 0.07
N MET A 3 -7.59 11.36 -0.16
CA MET A 3 -6.60 10.36 -0.53
C MET A 3 -6.18 9.55 0.69
N SER A 4 -6.03 10.21 1.82
CA SER A 4 -5.63 9.55 3.06
C SER A 4 -6.67 8.54 3.51
N ASP A 5 -7.90 8.71 3.03
CA ASP A 5 -8.99 7.81 3.39
C ASP A 5 -9.03 6.59 2.46
N LEU A 6 -8.54 6.78 1.24
CA LEU A 6 -8.52 5.70 0.26
C LEU A 6 -7.35 4.76 0.51
N PRO A 7 -7.45 3.49 0.04
CA PRO A 7 -6.40 2.51 0.23
C PRO A 7 -5.20 2.73 -0.69
N VAL A 8 -4.01 2.37 -0.21
CA VAL A 8 -2.79 2.53 -0.99
C VAL A 8 -2.13 1.19 -1.23
N LYS A 9 -2.06 0.78 -2.51
CA LYS A 9 -1.45 -0.48 -2.87
C LYS A 9 0.05 -0.49 -2.55
N VAL A 10 0.54 -1.63 -2.12
CA VAL A 10 1.95 -1.77 -1.77
C VAL A 10 2.60 -2.95 -2.50
N ILE A 11 3.92 -2.99 -2.48
CA ILE A 11 4.66 -4.06 -3.13
C ILE A 11 5.65 -4.69 -2.16
N HIS A 12 5.59 -6.01 -2.04
CA HIS A 12 6.48 -6.75 -1.14
C HIS A 12 7.74 -7.20 -1.88
N VAL A 13 8.89 -6.85 -1.33
CA VAL A 13 10.17 -7.23 -1.94
C VAL A 13 10.62 -8.60 -1.47
N GLU A 14 10.26 -8.95 -0.23
CA GLU A 14 10.64 -10.25 0.33
C GLU A 14 9.92 -11.39 -0.38
N SER A 15 8.67 -11.15 -0.76
CA SER A 15 7.88 -12.17 -1.44
C SER A 15 7.73 -11.84 -2.92
N GLY A 16 7.86 -10.56 -3.26
CA GLY A 16 7.73 -10.15 -4.64
C GLY A 16 6.30 -9.83 -5.03
N LYS A 17 5.35 -10.26 -4.21
CA LYS A 17 3.93 -10.00 -4.49
C LYS A 17 3.60 -8.53 -4.31
N ILE A 18 2.52 -8.09 -4.97
CA ILE A 18 2.09 -6.70 -4.88
C ILE A 18 0.62 -6.61 -4.51
N LEU A 19 0.34 -6.04 -3.33
CA LEU A 19 -1.03 -5.89 -2.88
C LEU A 19 -1.65 -4.62 -3.43
N THR A 20 -2.85 -4.75 -4.00
CA THR A 20 -3.56 -3.61 -4.57
C THR A 20 -4.36 -2.90 -3.49
N GLY A 21 -4.82 -1.69 -3.78
CA GLY A 21 -5.60 -0.93 -2.82
C GLY A 21 -6.71 -1.75 -2.18
N THR A 22 -7.16 -2.79 -2.89
CA THR A 22 -8.23 -3.63 -2.40
C THR A 22 -7.81 -4.40 -1.15
N ASP A 23 -6.60 -4.95 -1.15
CA ASP A 23 -6.08 -5.71 -0.01
C ASP A 23 -5.17 -4.86 0.86
N ALA A 24 -4.43 -3.96 0.24
CA ALA A 24 -3.51 -3.09 0.95
C ALA A 24 -4.23 -2.21 1.97
N PRO A 25 -3.50 -1.74 3.00
CA PRO A 25 -4.06 -0.88 4.04
C PRO A 25 -4.26 0.57 3.56
N LYS A 26 -5.05 1.33 4.31
CA LYS A 26 -5.31 2.71 3.96
C LYS A 26 -4.32 3.64 4.67
N ALA A 27 -4.26 4.88 4.22
CA ALA A 27 -3.34 5.86 4.80
C ALA A 27 -3.50 5.94 6.33
N GLY A 28 -4.69 5.62 6.81
CA GLY A 28 -4.95 5.68 8.24
C GLY A 28 -4.17 4.64 9.03
N GLN A 29 -3.99 3.45 8.46
CA GLN A 29 -3.27 2.39 9.15
C GLN A 29 -2.12 1.83 8.30
N LEU A 30 -1.71 2.59 7.28
CA LEU A 30 -0.65 2.16 6.40
C LEU A 30 0.68 2.06 7.15
N GLU A 31 1.07 3.15 7.80
CA GLU A 31 2.32 3.18 8.56
C GLU A 31 2.41 2.01 9.53
N ALA A 32 1.31 1.74 10.22
CA ALA A 32 1.26 0.65 11.18
C ALA A 32 1.36 -0.70 10.48
N TRP A 33 0.73 -0.80 9.31
CA TRP A 33 0.74 -2.03 8.53
C TRP A 33 2.15 -2.32 8.02
N LEU A 34 2.79 -1.32 7.42
CA LEU A 34 4.14 -1.48 6.90
C LEU A 34 5.10 -1.86 8.01
N GLU A 35 4.94 -1.23 9.17
CA GLU A 35 5.80 -1.51 10.32
C GLU A 35 5.62 -2.96 10.78
N MET A 36 4.39 -3.43 10.78
CA MET A 36 4.09 -4.80 11.18
C MET A 36 4.38 -5.79 10.06
N ASN A 37 4.48 -5.28 8.84
CA ASN A 37 4.75 -6.13 7.68
C ASN A 37 5.91 -5.56 6.86
N PRO A 38 7.14 -5.57 7.41
CA PRO A 38 8.32 -5.05 6.72
C PRO A 38 8.54 -5.72 5.37
N GLY A 39 9.21 -5.02 4.46
CA GLY A 39 9.48 -5.55 3.15
C GLY A 39 8.59 -4.97 2.07
N TYR A 40 7.49 -4.34 2.49
CA TYR A 40 6.56 -3.73 1.54
C TYR A 40 6.96 -2.30 1.22
N GLU A 41 6.44 -1.78 0.11
CA GLU A 41 6.73 -0.43 -0.32
C GLU A 41 5.55 0.17 -1.09
N VAL A 42 5.50 1.50 -1.13
CA VAL A 42 4.43 2.19 -1.83
C VAL A 42 4.39 1.82 -3.31
N ALA A 43 3.25 1.30 -3.76
CA ALA A 43 3.09 0.89 -5.16
C ALA A 43 2.42 2.00 -5.97
N PRO A 44 3.13 2.57 -6.97
CA PRO A 44 2.59 3.64 -7.82
C PRO A 44 1.50 3.12 -8.76
N ARG A 45 0.67 4.05 -9.24
CA ARG A 45 -0.41 3.69 -10.16
C ARG A 45 -0.05 4.07 -11.59
N SER A 46 -0.29 3.15 -12.52
CA SER A 46 0.01 3.39 -13.92
C SER A 46 -1.20 4.02 -14.63
N ASP A 47 -2.39 3.63 -14.20
CA ASP A 47 -3.62 4.16 -14.79
C ASP A 47 -3.73 5.66 -14.55
N SER A 48 -3.15 6.44 -15.45
CA SER A 48 -3.19 7.89 -15.34
C SER A 48 -3.34 8.54 -16.71
N GLU A 49 -2.33 8.37 -17.55
CA GLU A 49 -2.36 8.94 -18.90
C GLU A 49 -1.94 7.90 -19.94
N SER A 1 -13.33 10.74 -0.84
CA SER A 1 -12.91 12.11 -0.47
C SER A 1 -11.46 12.11 0.03
N GLN A 2 -10.58 12.77 -0.72
CA GLN A 2 -9.17 12.86 -0.36
C GLN A 2 -8.52 11.48 -0.37
N MET A 3 -7.32 11.39 -0.93
CA MET A 3 -6.59 10.14 -1.02
C MET A 3 -6.33 9.57 0.37
N SER A 4 -6.30 10.44 1.38
CA SER A 4 -6.06 10.02 2.76
C SER A 4 -7.05 8.95 3.19
N ASP A 5 -8.22 8.94 2.56
CA ASP A 5 -9.25 7.96 2.88
C ASP A 5 -9.16 6.75 1.96
N LEU A 6 -8.65 6.96 0.75
CA LEU A 6 -8.51 5.89 -0.22
C LEU A 6 -7.32 5.00 0.13
N PRO A 7 -7.42 3.69 -0.16
CA PRO A 7 -6.35 2.73 0.11
C PRO A 7 -5.19 2.86 -0.87
N VAL A 8 -3.99 2.51 -0.41
CA VAL A 8 -2.80 2.59 -1.25
C VAL A 8 -2.16 1.21 -1.42
N LYS A 9 -2.08 0.74 -2.66
CA LYS A 9 -1.48 -0.55 -2.94
C LYS A 9 0.00 -0.56 -2.58
N VAL A 10 0.48 -1.71 -2.12
CA VAL A 10 1.88 -1.85 -1.74
C VAL A 10 2.57 -2.96 -2.52
N ILE A 11 3.90 -2.96 -2.48
CA ILE A 11 4.69 -3.97 -3.18
C ILE A 11 5.63 -4.67 -2.21
N HIS A 12 5.57 -6.00 -2.20
CA HIS A 12 6.42 -6.80 -1.33
C HIS A 12 7.68 -7.25 -2.06
N VAL A 13 8.83 -6.83 -1.55
CA VAL A 13 10.11 -7.19 -2.15
C VAL A 13 10.65 -8.50 -1.58
N GLU A 14 10.29 -8.78 -0.33
CA GLU A 14 10.74 -10.00 0.33
C GLU A 14 10.24 -11.25 -0.40
N SER A 15 9.02 -11.17 -0.92
CA SER A 15 8.44 -12.30 -1.64
C SER A 15 8.11 -11.92 -3.09
N GLY A 16 7.93 -10.63 -3.34
CA GLY A 16 7.62 -10.18 -4.69
C GLY A 16 6.13 -10.00 -4.91
N LYS A 17 5.33 -10.35 -3.91
CA LYS A 17 3.88 -10.23 -4.02
C LYS A 17 3.46 -8.75 -4.05
N ILE A 18 2.39 -8.46 -4.79
CA ILE A 18 1.89 -7.10 -4.90
C ILE A 18 0.46 -6.99 -4.41
N LEU A 19 0.25 -6.17 -3.37
CA LEU A 19 -1.09 -5.98 -2.82
C LEU A 19 -1.71 -4.71 -3.37
N THR A 20 -2.92 -4.84 -3.92
CA THR A 20 -3.62 -3.69 -4.49
C THR A 20 -4.38 -2.95 -3.40
N GLY A 21 -4.83 -1.74 -3.71
CA GLY A 21 -5.57 -0.95 -2.74
C GLY A 21 -6.69 -1.72 -2.07
N THR A 22 -7.17 -2.78 -2.72
CA THR A 22 -8.25 -3.59 -2.18
C THR A 22 -7.80 -4.36 -0.93
N ASP A 23 -6.62 -4.95 -0.99
CA ASP A 23 -6.10 -5.72 0.14
C ASP A 23 -5.12 -4.91 0.98
N ALA A 24 -4.50 -3.92 0.34
CA ALA A 24 -3.53 -3.06 1.00
C ALA A 24 -4.17 -2.29 2.15
N PRO A 25 -3.35 -1.85 3.13
CA PRO A 25 -3.84 -1.08 4.29
C PRO A 25 -4.30 0.32 3.90
N LYS A 26 -5.04 0.95 4.79
CA LYS A 26 -5.54 2.31 4.55
C LYS A 26 -4.40 3.32 4.66
N ALA A 27 -4.70 4.57 4.33
CA ALA A 27 -3.69 5.62 4.39
C ALA A 27 -3.14 5.79 5.80
N GLY A 28 -4.03 5.88 6.78
CA GLY A 28 -3.61 6.05 8.16
C GLY A 28 -3.06 4.78 8.77
N GLN A 29 -3.65 3.64 8.40
CA GLN A 29 -3.22 2.34 8.93
C GLN A 29 -1.99 1.80 8.17
N LEU A 30 -1.64 2.45 7.06
CA LEU A 30 -0.49 2.01 6.27
C LEU A 30 0.78 1.98 7.10
N GLU A 31 1.01 3.04 7.88
CA GLU A 31 2.20 3.13 8.72
C GLU A 31 2.33 1.92 9.63
N ALA A 32 1.25 1.58 10.31
CA ALA A 32 1.24 0.44 11.23
C ALA A 32 1.34 -0.87 10.46
N TRP A 33 0.72 -0.90 9.27
CA TRP A 33 0.74 -2.10 8.44
C TRP A 33 2.15 -2.39 7.93
N LEU A 34 2.84 -1.36 7.48
CA LEU A 34 4.19 -1.50 6.98
C LEU A 34 5.13 -1.93 8.11
N GLU A 35 4.99 -1.28 9.25
CA GLU A 35 5.83 -1.59 10.40
C GLU A 35 5.63 -3.04 10.84
N MET A 36 4.39 -3.52 10.73
CA MET A 36 4.06 -4.88 11.11
C MET A 36 4.42 -5.86 9.98
N ASN A 37 4.43 -5.35 8.75
CA ASN A 37 4.76 -6.17 7.59
C ASN A 37 5.95 -5.59 6.82
N PRO A 38 7.17 -5.81 7.32
CA PRO A 38 8.39 -5.30 6.69
C PRO A 38 8.63 -5.93 5.32
N GLY A 39 9.27 -5.16 4.43
CA GLY A 39 9.55 -5.65 3.09
C GLY A 39 8.63 -5.05 2.05
N TYR A 40 7.54 -4.45 2.48
CA TYR A 40 6.58 -3.84 1.57
C TYR A 40 6.95 -2.39 1.28
N GLU A 41 6.40 -1.85 0.20
CA GLU A 41 6.66 -0.47 -0.19
C GLU A 41 5.45 0.14 -0.89
N VAL A 42 5.24 1.44 -0.68
CA VAL A 42 4.11 2.13 -1.30
C VAL A 42 4.19 2.06 -2.82
N ALA A 43 3.13 1.56 -3.44
CA ALA A 43 3.08 1.45 -4.89
C ALA A 43 2.29 2.59 -5.51
N PRO A 44 2.95 3.47 -6.28
CA PRO A 44 2.30 4.62 -6.92
C PRO A 44 1.06 4.21 -7.72
N ARG A 45 0.16 5.17 -7.94
CA ARG A 45 -1.06 4.90 -8.69
C ARG A 45 -0.75 4.55 -10.13
N SER A 46 -1.80 4.29 -10.91
CA SER A 46 -1.64 3.95 -12.33
C SER A 46 -2.07 5.10 -13.22
N ASP A 47 -3.07 5.86 -12.77
CA ASP A 47 -3.57 6.99 -13.54
C ASP A 47 -3.76 8.22 -12.64
N SER A 48 -2.90 9.21 -12.84
CA SER A 48 -2.97 10.44 -12.05
C SER A 48 -2.78 11.67 -12.93
N GLU A 49 -2.88 12.84 -12.33
CA GLU A 49 -2.72 14.10 -13.06
C GLU A 49 -1.40 14.78 -12.70
N SER A 1 -9.53 15.94 -3.16
CA SER A 1 -8.62 15.51 -2.08
C SER A 1 -9.25 14.42 -1.23
N GLN A 2 -8.90 13.17 -1.51
CA GLN A 2 -9.43 12.03 -0.76
C GLN A 2 -8.51 10.82 -0.87
N MET A 3 -7.21 11.08 -1.00
CA MET A 3 -6.23 10.02 -1.12
C MET A 3 -6.02 9.31 0.22
N SER A 4 -5.99 10.10 1.29
CA SER A 4 -5.79 9.56 2.63
C SER A 4 -6.96 8.66 3.03
N ASP A 5 -8.14 8.95 2.49
CA ASP A 5 -9.33 8.17 2.79
C ASP A 5 -9.36 6.88 1.98
N LEU A 6 -8.72 6.89 0.81
CA LEU A 6 -8.68 5.73 -0.05
C LEU A 6 -7.48 4.85 0.28
N PRO A 7 -7.58 3.53 0.01
CA PRO A 7 -6.50 2.58 0.28
C PRO A 7 -5.31 2.77 -0.65
N VAL A 8 -4.13 2.40 -0.18
CA VAL A 8 -2.91 2.54 -0.98
C VAL A 8 -2.26 1.18 -1.20
N LYS A 9 -1.91 0.89 -2.46
CA LYS A 9 -1.28 -0.38 -2.81
C LYS A 9 0.14 -0.44 -2.27
N VAL A 10 0.76 -1.60 -2.40
CA VAL A 10 2.13 -1.79 -1.92
C VAL A 10 2.79 -2.98 -2.61
N ILE A 11 4.12 -3.03 -2.52
CA ILE A 11 4.88 -4.12 -3.14
C ILE A 11 5.83 -4.74 -2.12
N HIS A 12 5.76 -6.06 -1.98
CA HIS A 12 6.62 -6.78 -1.06
C HIS A 12 7.91 -7.24 -1.75
N VAL A 13 9.05 -7.02 -1.09
CA VAL A 13 10.33 -7.42 -1.65
C VAL A 13 10.66 -8.87 -1.31
N GLU A 14 10.20 -9.31 -0.14
CA GLU A 14 10.45 -10.68 0.32
C GLU A 14 9.71 -11.69 -0.55
N SER A 15 8.50 -11.35 -0.98
CA SER A 15 7.69 -12.24 -1.80
C SER A 15 7.54 -11.72 -3.23
N GLY A 16 7.70 -10.40 -3.39
CA GLY A 16 7.57 -9.81 -4.72
C GLY A 16 6.13 -9.57 -5.11
N LYS A 17 5.20 -9.89 -4.21
CA LYS A 17 3.78 -9.70 -4.48
C LYS A 17 3.39 -8.22 -4.36
N ILE A 18 2.34 -7.84 -5.07
CA ILE A 18 1.86 -6.46 -5.04
C ILE A 18 0.42 -6.37 -4.55
N LEU A 19 0.22 -5.86 -3.34
CA LEU A 19 -1.12 -5.74 -2.78
C LEU A 19 -1.84 -4.53 -3.38
N THR A 20 -3.06 -4.77 -3.85
CA THR A 20 -3.87 -3.70 -4.45
C THR A 20 -4.62 -2.93 -3.36
N GLY A 21 -5.16 -1.77 -3.72
CA GLY A 21 -5.90 -0.98 -2.75
C GLY A 21 -7.00 -1.77 -2.04
N THR A 22 -7.40 -2.89 -2.64
CA THR A 22 -8.44 -3.72 -2.07
C THR A 22 -7.96 -4.49 -0.83
N ASP A 23 -6.76 -5.06 -0.92
CA ASP A 23 -6.19 -5.82 0.20
C ASP A 23 -5.23 -4.97 1.03
N ALA A 24 -4.60 -4.01 0.39
CA ALA A 24 -3.64 -3.13 1.06
C ALA A 24 -4.31 -2.34 2.18
N PRO A 25 -3.54 -1.89 3.18
CA PRO A 25 -4.06 -1.12 4.31
C PRO A 25 -4.39 0.32 3.93
N LYS A 26 -5.27 0.94 4.71
CA LYS A 26 -5.66 2.33 4.46
C LYS A 26 -4.54 3.28 4.85
N ALA A 27 -4.53 4.46 4.24
CA ALA A 27 -3.51 5.46 4.52
C ALA A 27 -3.42 5.75 6.02
N GLY A 28 -4.52 5.54 6.74
CA GLY A 28 -4.54 5.79 8.17
C GLY A 28 -3.81 4.73 8.97
N GLN A 29 -3.91 3.48 8.54
CA GLN A 29 -3.25 2.37 9.24
C GLN A 29 -2.10 1.79 8.43
N LEU A 30 -1.71 2.47 7.36
CA LEU A 30 -0.63 2.01 6.50
C LEU A 30 0.69 1.97 7.26
N GLU A 31 0.99 3.06 7.96
CA GLU A 31 2.24 3.15 8.72
C GLU A 31 2.40 1.97 9.66
N ALA A 32 1.32 1.60 10.33
CA ALA A 32 1.32 0.48 11.26
C ALA A 32 1.46 -0.85 10.52
N TRP A 33 0.80 -0.94 9.37
CA TRP A 33 0.85 -2.15 8.56
C TRP A 33 2.24 -2.35 7.98
N LEU A 34 2.89 -1.24 7.61
CA LEU A 34 4.24 -1.31 7.05
C LEU A 34 5.24 -1.72 8.12
N GLU A 35 5.10 -1.15 9.30
CA GLU A 35 5.99 -1.47 10.42
C GLU A 35 5.88 -2.95 10.77
N MET A 36 4.64 -3.46 10.77
CA MET A 36 4.41 -4.87 11.09
C MET A 36 4.81 -5.76 9.92
N ASN A 37 4.52 -5.31 8.70
CA ASN A 37 4.86 -6.07 7.51
C ASN A 37 6.04 -5.43 6.79
N PRO A 38 7.27 -5.70 7.26
CA PRO A 38 8.49 -5.16 6.65
C PRO A 38 8.76 -5.73 5.27
N GLY A 39 9.36 -4.92 4.41
CA GLY A 39 9.66 -5.36 3.05
C GLY A 39 8.71 -4.79 2.02
N TYR A 40 7.58 -4.25 2.48
CA TYR A 40 6.59 -3.68 1.58
C TYR A 40 6.92 -2.22 1.28
N GLU A 41 6.47 -1.75 0.12
CA GLU A 41 6.71 -0.37 -0.29
C GLU A 41 5.51 0.18 -1.06
N VAL A 42 5.24 1.46 -0.89
CA VAL A 42 4.11 2.11 -1.57
C VAL A 42 4.19 1.90 -3.08
N ALA A 43 3.09 1.43 -3.66
CA ALA A 43 3.04 1.19 -5.11
C ALA A 43 2.85 2.50 -5.87
N PRO A 44 3.70 2.76 -6.89
CA PRO A 44 3.61 3.98 -7.70
C PRO A 44 2.23 4.19 -8.28
N ARG A 45 1.91 5.43 -8.63
CA ARG A 45 0.61 5.76 -9.21
C ARG A 45 -0.51 5.40 -8.25
N SER A 46 -1.10 6.41 -7.63
CA SER A 46 -2.20 6.19 -6.68
C SER A 46 -3.49 6.80 -7.21
N ASP A 47 -3.64 6.82 -8.53
CA ASP A 47 -4.84 7.37 -9.16
C ASP A 47 -5.51 6.35 -10.07
N SER A 48 -4.70 5.66 -10.86
CA SER A 48 -5.21 4.65 -11.77
C SER A 48 -4.25 3.46 -11.87
N GLU A 49 -4.75 2.34 -12.39
CA GLU A 49 -3.92 1.15 -12.55
C GLU A 49 -3.42 0.65 -11.19
N SER A 1 -13.76 13.24 -0.79
CA SER A 1 -12.75 12.61 -1.68
C SER A 1 -11.34 12.97 -1.24
N GLN A 2 -10.81 12.21 -0.30
CA GLN A 2 -9.45 12.44 0.20
C GLN A 2 -8.60 11.18 0.07
N MET A 3 -7.34 11.36 -0.29
CA MET A 3 -6.42 10.24 -0.46
C MET A 3 -6.27 9.47 0.85
N SER A 4 -6.44 10.17 1.97
CA SER A 4 -6.33 9.53 3.28
C SER A 4 -7.43 8.51 3.49
N ASP A 5 -8.56 8.72 2.83
CA ASP A 5 -9.69 7.81 2.94
C ASP A 5 -9.57 6.64 1.97
N LEU A 6 -8.87 6.87 0.87
CA LEU A 6 -8.67 5.83 -0.15
C LEU A 6 -7.48 4.95 0.22
N PRO A 7 -7.55 3.65 -0.12
CA PRO A 7 -6.48 2.70 0.17
C PRO A 7 -5.29 2.87 -0.77
N VAL A 8 -4.10 2.50 -0.28
CA VAL A 8 -2.89 2.61 -1.08
C VAL A 8 -2.24 1.24 -1.27
N LYS A 9 -1.93 0.92 -2.53
CA LYS A 9 -1.30 -0.36 -2.85
C LYS A 9 0.12 -0.42 -2.31
N VAL A 10 0.74 -1.59 -2.43
CA VAL A 10 2.11 -1.78 -1.95
C VAL A 10 2.77 -2.96 -2.64
N ILE A 11 4.10 -3.00 -2.60
CA ILE A 11 4.86 -4.08 -3.21
C ILE A 11 5.78 -4.73 -2.19
N HIS A 12 5.68 -6.05 -2.08
CA HIS A 12 6.51 -6.81 -1.14
C HIS A 12 7.78 -7.30 -1.81
N VAL A 13 8.92 -7.02 -1.19
CA VAL A 13 10.22 -7.43 -1.73
C VAL A 13 10.60 -8.82 -1.23
N GLU A 14 10.10 -9.18 -0.06
CA GLU A 14 10.41 -10.49 0.52
C GLU A 14 9.76 -11.61 -0.27
N SER A 15 8.55 -11.36 -0.78
CA SER A 15 7.84 -12.36 -1.56
C SER A 15 7.67 -11.92 -3.00
N GLY A 16 7.73 -10.61 -3.25
CA GLY A 16 7.60 -10.10 -4.60
C GLY A 16 6.15 -9.84 -4.98
N LYS A 17 5.21 -10.22 -4.10
CA LYS A 17 3.80 -10.02 -4.37
C LYS A 17 3.43 -8.55 -4.32
N ILE A 18 2.33 -8.20 -4.99
CA ILE A 18 1.87 -6.81 -5.03
C ILE A 18 0.44 -6.70 -4.54
N LEU A 19 0.25 -6.01 -3.41
CA LEU A 19 -1.08 -5.84 -2.86
C LEU A 19 -1.77 -4.62 -3.45
N THR A 20 -2.98 -4.81 -3.95
CA THR A 20 -3.74 -3.70 -4.55
C THR A 20 -4.51 -2.95 -3.47
N GLY A 21 -5.01 -1.78 -3.81
CA GLY A 21 -5.76 -0.99 -2.85
C GLY A 21 -6.85 -1.79 -2.14
N THR A 22 -7.26 -2.88 -2.75
CA THR A 22 -8.30 -3.73 -2.18
C THR A 22 -7.81 -4.48 -0.94
N ASP A 23 -6.60 -5.03 -1.02
CA ASP A 23 -6.04 -5.78 0.11
C ASP A 23 -5.08 -4.93 0.93
N ALA A 24 -4.47 -3.94 0.29
CA ALA A 24 -3.53 -3.05 0.95
C ALA A 24 -4.20 -2.28 2.08
N PRO A 25 -3.40 -1.82 3.07
CA PRO A 25 -3.92 -1.06 4.21
C PRO A 25 -4.33 0.35 3.83
N LYS A 26 -5.10 1.00 4.70
CA LYS A 26 -5.56 2.36 4.46
C LYS A 26 -4.41 3.35 4.64
N ALA A 27 -4.64 4.60 4.29
CA ALA A 27 -3.61 5.63 4.41
C ALA A 27 -3.16 5.80 5.85
N GLY A 28 -4.12 5.83 6.77
CA GLY A 28 -3.79 5.99 8.17
C GLY A 28 -3.21 4.75 8.80
N GLN A 29 -3.69 3.58 8.38
CA GLN A 29 -3.21 2.31 8.93
C GLN A 29 -2.00 1.78 8.17
N LEU A 30 -1.64 2.47 7.07
CA LEU A 30 -0.50 2.04 6.26
C LEU A 30 0.78 2.01 7.09
N GLU A 31 1.07 3.10 7.79
CA GLU A 31 2.27 3.21 8.61
C GLU A 31 2.40 2.01 9.54
N ALA A 32 1.32 1.71 10.26
CA ALA A 32 1.31 0.58 11.18
C ALA A 32 1.42 -0.74 10.43
N TRP A 33 0.80 -0.80 9.25
CA TRP A 33 0.83 -2.00 8.44
C TRP A 33 2.23 -2.28 7.92
N LEU A 34 2.94 -1.21 7.57
CA LEU A 34 4.31 -1.34 7.08
C LEU A 34 5.24 -1.82 8.18
N GLU A 35 5.10 -1.22 9.35
CA GLU A 35 5.93 -1.60 10.50
C GLU A 35 5.68 -3.05 10.88
N MET A 36 4.42 -3.47 10.75
CA MET A 36 4.04 -4.84 11.06
C MET A 36 4.38 -5.79 9.91
N ASN A 37 4.46 -5.23 8.71
CA ASN A 37 4.78 -6.03 7.53
C ASN A 37 5.98 -5.44 6.77
N PRO A 38 7.20 -5.63 7.31
CA PRO A 38 8.42 -5.11 6.69
C PRO A 38 8.68 -5.72 5.32
N GLY A 39 9.33 -4.95 4.45
CA GLY A 39 9.63 -5.43 3.11
C GLY A 39 8.72 -4.84 2.05
N TYR A 40 7.58 -4.31 2.48
CA TYR A 40 6.63 -3.72 1.55
C TYR A 40 7.01 -2.29 1.21
N GLU A 41 6.46 -1.77 0.11
CA GLU A 41 6.73 -0.41 -0.31
C GLU A 41 5.53 0.18 -1.05
N VAL A 42 5.32 1.48 -0.90
CA VAL A 42 4.21 2.16 -1.54
C VAL A 42 4.25 1.96 -3.06
N ALA A 43 3.13 1.53 -3.63
CA ALA A 43 3.03 1.31 -5.06
C ALA A 43 2.78 2.62 -5.82
N PRO A 44 3.54 2.88 -6.89
CA PRO A 44 3.39 4.10 -7.68
C PRO A 44 2.13 4.08 -8.54
N ARG A 45 1.67 5.26 -8.95
CA ARG A 45 0.47 5.36 -9.78
C ARG A 45 0.70 4.75 -11.15
N SER A 46 -0.35 4.19 -11.75
CA SER A 46 -0.25 3.58 -13.06
C SER A 46 -1.46 3.96 -13.93
N ASP A 47 -1.63 5.25 -14.14
CA ASP A 47 -2.75 5.75 -14.94
C ASP A 47 -2.34 7.01 -15.71
N SER A 48 -2.11 8.09 -14.97
CA SER A 48 -1.72 9.35 -15.58
C SER A 48 -0.20 9.49 -15.61
N GLU A 49 0.43 9.37 -14.45
CA GLU A 49 1.88 9.49 -14.34
C GLU A 49 2.36 9.03 -12.97
N SER A 1 -14.90 14.21 -1.35
CA SER A 1 -14.01 13.16 -1.93
C SER A 1 -12.74 13.01 -1.10
N GLN A 2 -12.80 12.14 -0.11
CA GLN A 2 -11.65 11.90 0.76
C GLN A 2 -10.62 11.00 0.07
N MET A 3 -9.68 11.63 -0.63
CA MET A 3 -8.64 10.90 -1.34
C MET A 3 -7.65 10.26 -0.37
N SER A 4 -7.24 11.03 0.63
CA SER A 4 -6.31 10.54 1.64
C SER A 4 -6.86 9.31 2.35
N ASP A 5 -8.19 9.20 2.38
CA ASP A 5 -8.84 8.07 3.04
C ASP A 5 -8.76 6.81 2.16
N LEU A 6 -8.62 7.01 0.86
CA LEU A 6 -8.53 5.89 -0.08
C LEU A 6 -7.36 4.99 0.27
N PRO A 7 -7.47 3.68 -0.03
CA PRO A 7 -6.41 2.70 0.25
C PRO A 7 -5.21 2.88 -0.68
N VAL A 8 -4.04 2.50 -0.19
CA VAL A 8 -2.82 2.60 -0.98
C VAL A 8 -2.17 1.24 -1.19
N LYS A 9 -1.86 0.92 -2.44
CA LYS A 9 -1.24 -0.36 -2.76
C LYS A 9 0.16 -0.45 -2.18
N VAL A 10 0.80 -1.60 -2.36
CA VAL A 10 2.15 -1.81 -1.86
C VAL A 10 2.84 -2.95 -2.59
N ILE A 11 4.17 -2.95 -2.53
CA ILE A 11 4.96 -3.98 -3.20
C ILE A 11 5.88 -4.67 -2.20
N HIS A 12 5.81 -6.00 -2.15
CA HIS A 12 6.64 -6.78 -1.24
C HIS A 12 7.94 -7.21 -1.92
N VAL A 13 9.07 -6.94 -1.27
CA VAL A 13 10.36 -7.31 -1.82
C VAL A 13 10.76 -8.73 -1.41
N GLU A 14 10.37 -9.12 -0.20
CA GLU A 14 10.70 -10.45 0.30
C GLU A 14 9.93 -11.52 -0.46
N SER A 15 8.71 -11.21 -0.88
CA SER A 15 7.89 -12.16 -1.60
C SER A 15 7.70 -11.74 -3.06
N GLY A 16 7.84 -10.46 -3.34
CA GLY A 16 7.68 -9.97 -4.69
C GLY A 16 6.23 -9.73 -5.06
N LYS A 17 5.32 -10.07 -4.16
CA LYS A 17 3.89 -9.89 -4.41
C LYS A 17 3.50 -8.42 -4.30
N ILE A 18 2.39 -8.06 -4.94
CA ILE A 18 1.91 -6.69 -4.93
C ILE A 18 0.47 -6.62 -4.46
N LEU A 19 0.23 -5.92 -3.35
CA LEU A 19 -1.12 -5.78 -2.81
C LEU A 19 -1.81 -4.55 -3.39
N THR A 20 -3.03 -4.74 -3.87
CA THR A 20 -3.80 -3.63 -4.45
C THR A 20 -4.55 -2.89 -3.36
N GLY A 21 -5.06 -1.71 -3.68
CA GLY A 21 -5.79 -0.92 -2.70
C GLY A 21 -6.88 -1.71 -2.00
N THR A 22 -7.32 -2.80 -2.64
CA THR A 22 -8.37 -3.64 -2.08
C THR A 22 -7.90 -4.40 -0.85
N ASP A 23 -6.69 -4.97 -0.91
CA ASP A 23 -6.14 -5.73 0.20
C ASP A 23 -5.18 -4.89 1.03
N ALA A 24 -4.52 -3.94 0.40
CA ALA A 24 -3.57 -3.07 1.07
C ALA A 24 -4.25 -2.25 2.17
N PRO A 25 -3.48 -1.80 3.17
CA PRO A 25 -4.01 -1.01 4.28
C PRO A 25 -4.31 0.43 3.88
N LYS A 26 -5.09 1.11 4.71
CA LYS A 26 -5.45 2.51 4.45
C LYS A 26 -4.32 3.44 4.87
N ALA A 27 -4.29 4.63 4.28
CA ALA A 27 -3.25 5.61 4.60
C ALA A 27 -3.16 5.86 6.10
N GLY A 28 -4.28 5.67 6.80
CA GLY A 28 -4.30 5.88 8.23
C GLY A 28 -3.59 4.80 9.03
N GLN A 29 -3.70 3.56 8.58
CA GLN A 29 -3.07 2.43 9.26
C GLN A 29 -1.95 1.81 8.43
N LEU A 30 -1.54 2.49 7.37
CA LEU A 30 -0.48 1.99 6.50
C LEU A 30 0.85 1.87 7.26
N GLU A 31 1.22 2.93 7.96
CA GLU A 31 2.46 2.94 8.72
C GLU A 31 2.54 1.75 9.67
N ALA A 32 1.43 1.44 10.31
CA ALA A 32 1.36 0.33 11.25
C ALA A 32 1.46 -1.00 10.52
N TRP A 33 0.82 -1.07 9.35
CA TRP A 33 0.83 -2.28 8.55
C TRP A 33 2.23 -2.57 8.03
N LEU A 34 2.89 -1.54 7.51
CA LEU A 34 4.24 -1.68 6.97
C LEU A 34 5.21 -2.11 8.08
N GLU A 35 5.08 -1.48 9.23
CA GLU A 35 5.94 -1.79 10.38
C GLU A 35 5.76 -3.25 10.79
N MET A 36 4.51 -3.71 10.76
CA MET A 36 4.19 -5.09 11.12
C MET A 36 4.54 -6.06 9.99
N ASN A 37 4.56 -5.54 8.77
CA ASN A 37 4.88 -6.36 7.60
C ASN A 37 6.05 -5.77 6.82
N PRO A 38 7.29 -5.95 7.32
CA PRO A 38 8.50 -5.43 6.67
C PRO A 38 8.70 -6.02 5.27
N GLY A 39 9.31 -5.25 4.39
CA GLY A 39 9.56 -5.71 3.03
C GLY A 39 8.62 -5.09 2.02
N TYR A 40 7.56 -4.45 2.50
CA TYR A 40 6.59 -3.81 1.62
C TYR A 40 6.91 -2.33 1.41
N GLU A 41 6.44 -1.78 0.31
CA GLU A 41 6.67 -0.37 -0.02
C GLU A 41 5.52 0.19 -0.84
N VAL A 42 5.29 1.49 -0.71
CA VAL A 42 4.22 2.16 -1.44
C VAL A 42 4.34 1.90 -2.94
N ALA A 43 3.26 1.39 -3.55
CA ALA A 43 3.25 1.09 -4.97
C ALA A 43 2.84 2.32 -5.78
N PRO A 44 3.52 2.57 -6.92
CA PRO A 44 3.21 3.72 -7.78
C PRO A 44 1.75 3.74 -8.21
N ARG A 45 1.28 4.92 -8.61
CA ARG A 45 -0.11 5.08 -9.05
C ARG A 45 -1.08 4.75 -7.93
N SER A 46 -2.27 5.33 -7.99
CA SER A 46 -3.29 5.09 -6.98
C SER A 46 -4.32 4.08 -7.46
N ASP A 47 -4.57 4.08 -8.77
CA ASP A 47 -5.53 3.15 -9.37
C ASP A 47 -4.82 2.15 -10.27
N SER A 48 -5.50 1.04 -10.55
CA SER A 48 -4.95 -0.01 -11.40
C SER A 48 -5.85 -0.29 -12.59
N GLU A 49 -7.02 -0.85 -12.31
CA GLU A 49 -7.99 -1.17 -13.36
C GLU A 49 -8.61 0.10 -13.93
N SER A 1 -8.18 16.10 0.19
CA SER A 1 -8.80 15.39 1.33
C SER A 1 -9.60 14.17 0.87
N GLN A 2 -9.16 13.58 -0.23
CA GLN A 2 -9.82 12.40 -0.78
C GLN A 2 -8.90 11.18 -0.74
N MET A 3 -7.73 11.31 -1.34
CA MET A 3 -6.76 10.23 -1.37
C MET A 3 -6.35 9.81 0.04
N SER A 4 -6.41 10.76 0.97
CA SER A 4 -6.05 10.50 2.35
C SER A 4 -6.90 9.38 2.95
N ASP A 5 -8.09 9.19 2.38
CA ASP A 5 -9.00 8.15 2.86
C ASP A 5 -8.92 6.91 1.96
N LEU A 6 -8.58 7.12 0.68
CA LEU A 6 -8.49 6.02 -0.26
C LEU A 6 -7.38 5.06 0.13
N PRO A 7 -7.48 3.79 -0.31
CA PRO A 7 -6.48 2.76 0.00
C PRO A 7 -5.21 2.94 -0.82
N VAL A 8 -4.08 2.54 -0.24
CA VAL A 8 -2.79 2.66 -0.91
C VAL A 8 -2.15 1.28 -1.09
N LYS A 9 -1.99 0.86 -2.34
CA LYS A 9 -1.39 -0.43 -2.65
C LYS A 9 0.05 -0.48 -2.16
N VAL A 10 0.67 -1.65 -2.29
CA VAL A 10 2.04 -1.84 -1.85
C VAL A 10 2.67 -3.04 -2.54
N ILE A 11 4.01 -3.06 -2.60
CA ILE A 11 4.73 -4.15 -3.23
C ILE A 11 5.75 -4.76 -2.26
N HIS A 12 5.68 -6.08 -2.10
CA HIS A 12 6.59 -6.78 -1.20
C HIS A 12 7.87 -7.17 -1.93
N VAL A 13 9.00 -6.75 -1.37
CA VAL A 13 10.29 -7.06 -1.97
C VAL A 13 10.84 -8.40 -1.48
N GLU A 14 10.47 -8.77 -0.25
CA GLU A 14 10.93 -10.02 0.34
C GLU A 14 10.32 -11.21 -0.37
N SER A 15 9.06 -11.09 -0.78
CA SER A 15 8.35 -12.16 -1.46
C SER A 15 8.07 -11.80 -2.92
N GLY A 16 8.02 -10.51 -3.21
CA GLY A 16 7.75 -10.06 -4.56
C GLY A 16 6.27 -9.89 -4.84
N LYS A 17 5.43 -10.36 -3.92
CA LYS A 17 3.98 -10.25 -4.08
C LYS A 17 3.54 -8.78 -3.95
N ILE A 18 2.51 -8.43 -4.71
CA ILE A 18 1.99 -7.06 -4.69
C ILE A 18 0.51 -7.05 -4.29
N LEU A 19 0.16 -6.20 -3.33
CA LEU A 19 -1.21 -6.09 -2.87
C LEU A 19 -1.89 -4.84 -3.45
N THR A 20 -3.12 -5.00 -3.91
CA THR A 20 -3.87 -3.89 -4.47
C THR A 20 -4.57 -3.11 -3.37
N GLY A 21 -5.06 -1.92 -3.70
CA GLY A 21 -5.75 -1.10 -2.73
C GLY A 21 -6.86 -1.85 -2.00
N THR A 22 -7.36 -2.92 -2.64
CA THR A 22 -8.43 -3.71 -2.05
C THR A 22 -7.97 -4.43 -0.79
N ASP A 23 -6.77 -5.00 -0.84
CA ASP A 23 -6.22 -5.73 0.30
C ASP A 23 -5.23 -4.85 1.09
N ALA A 24 -4.71 -3.82 0.43
CA ALA A 24 -3.75 -2.92 1.05
C ALA A 24 -4.37 -2.20 2.24
N PRO A 25 -3.53 -1.74 3.18
CA PRO A 25 -3.99 -1.02 4.38
C PRO A 25 -4.44 0.40 4.06
N LYS A 26 -5.18 1.00 4.99
CA LYS A 26 -5.66 2.37 4.80
C LYS A 26 -4.52 3.36 4.95
N ALA A 27 -4.81 4.64 4.71
CA ALA A 27 -3.79 5.68 4.81
C ALA A 27 -3.21 5.76 6.21
N GLY A 28 -4.08 5.79 7.22
CA GLY A 28 -3.63 5.88 8.60
C GLY A 28 -3.06 4.56 9.11
N GLN A 29 -3.64 3.45 8.68
CA GLN A 29 -3.18 2.13 9.11
C GLN A 29 -1.98 1.65 8.30
N LEU A 30 -1.67 2.37 7.22
CA LEU A 30 -0.54 2.01 6.36
C LEU A 30 0.75 1.93 7.16
N GLU A 31 1.04 2.97 7.93
CA GLU A 31 2.26 3.01 8.73
C GLU A 31 2.37 1.78 9.63
N ALA A 32 1.28 1.47 10.32
CA ALA A 32 1.26 0.32 11.21
C ALA A 32 1.34 -0.98 10.42
N TRP A 33 0.71 -1.00 9.25
CA TRP A 33 0.72 -2.17 8.39
C TRP A 33 2.14 -2.46 7.88
N LEU A 34 2.83 -1.41 7.47
CA LEU A 34 4.19 -1.54 6.97
C LEU A 34 5.11 -2.06 8.07
N GLU A 35 4.98 -1.47 9.26
CA GLU A 35 5.79 -1.88 10.40
C GLU A 35 5.56 -3.35 10.72
N MET A 36 4.31 -3.78 10.58
CA MET A 36 3.95 -5.17 10.86
C MET A 36 4.32 -6.07 9.68
N ASN A 37 4.42 -5.48 8.49
CA ASN A 37 4.76 -6.22 7.29
C ASN A 37 5.94 -5.59 6.56
N PRO A 38 7.16 -5.73 7.12
CA PRO A 38 8.37 -5.15 6.52
C PRO A 38 8.66 -5.73 5.13
N GLY A 39 9.26 -4.90 4.28
CA GLY A 39 9.58 -5.33 2.94
C GLY A 39 8.64 -4.75 1.89
N TYR A 40 7.47 -4.31 2.33
CA TYR A 40 6.49 -3.73 1.42
C TYR A 40 6.80 -2.27 1.14
N GLU A 41 6.42 -1.81 -0.04
CA GLU A 41 6.66 -0.42 -0.44
C GLU A 41 5.44 0.16 -1.14
N VAL A 42 5.21 1.46 -0.93
CA VAL A 42 4.06 2.14 -1.54
C VAL A 42 4.07 1.98 -3.05
N ALA A 43 2.97 1.48 -3.60
CA ALA A 43 2.84 1.28 -5.03
C ALA A 43 2.50 2.59 -5.74
N PRO A 44 3.43 3.13 -6.57
CA PRO A 44 3.20 4.38 -7.29
C PRO A 44 1.95 4.33 -8.16
N ARG A 45 1.43 5.50 -8.50
CA ARG A 45 0.23 5.59 -9.32
C ARG A 45 0.57 5.96 -10.76
N SER A 46 -0.39 5.77 -11.67
CA SER A 46 -0.17 6.09 -13.07
C SER A 46 -0.04 7.59 -13.29
N ASP A 47 -0.67 8.37 -12.41
CA ASP A 47 -0.63 9.82 -12.51
C ASP A 47 0.81 10.32 -12.47
N SER A 48 1.10 11.36 -13.26
CA SER A 48 2.43 11.94 -13.32
C SER A 48 2.46 13.31 -12.65
N GLU A 49 3.48 13.55 -11.84
CA GLU A 49 3.63 14.82 -11.14
C GLU A 49 5.02 14.96 -10.54
N SER A 1 -14.16 12.76 1.35
CA SER A 1 -13.74 11.95 0.18
C SER A 1 -12.41 12.45 -0.38
N GLN A 2 -11.34 11.70 -0.12
CA GLN A 2 -10.02 12.06 -0.59
C GLN A 2 -9.07 10.86 -0.54
N MET A 3 -7.95 10.97 -1.24
CA MET A 3 -6.96 9.89 -1.29
C MET A 3 -6.45 9.57 0.11
N SER A 4 -6.44 10.56 0.98
CA SER A 4 -5.97 10.39 2.35
C SER A 4 -6.78 9.30 3.06
N ASP A 5 -7.98 9.04 2.58
CA ASP A 5 -8.84 8.03 3.18
C ASP A 5 -8.83 6.74 2.37
N LEU A 6 -8.58 6.87 1.06
CA LEU A 6 -8.54 5.72 0.17
C LEU A 6 -7.34 4.83 0.48
N PRO A 7 -7.42 3.54 0.14
CA PRO A 7 -6.33 2.58 0.38
C PRO A 7 -5.18 2.75 -0.61
N VAL A 8 -3.97 2.42 -0.16
CA VAL A 8 -2.78 2.53 -1.00
C VAL A 8 -2.13 1.17 -1.20
N LYS A 9 -1.89 0.81 -2.46
CA LYS A 9 -1.26 -0.47 -2.79
C LYS A 9 0.17 -0.51 -2.27
N VAL A 10 0.76 -1.71 -2.29
CA VAL A 10 2.13 -1.88 -1.83
C VAL A 10 2.73 -3.17 -2.40
N ILE A 11 4.06 -3.26 -2.39
CA ILE A 11 4.74 -4.43 -2.90
C ILE A 11 5.85 -4.90 -1.96
N HIS A 12 5.82 -6.18 -1.62
CA HIS A 12 6.82 -6.77 -0.73
C HIS A 12 8.10 -7.08 -1.51
N VAL A 13 9.24 -6.79 -0.91
CA VAL A 13 10.52 -7.04 -1.56
C VAL A 13 11.00 -8.48 -1.32
N GLU A 14 10.48 -9.11 -0.27
CA GLU A 14 10.85 -10.48 0.07
C GLU A 14 10.33 -11.46 -0.97
N SER A 15 9.13 -11.21 -1.48
CA SER A 15 8.52 -12.10 -2.47
C SER A 15 8.22 -11.36 -3.78
N GLY A 16 8.09 -10.04 -3.70
CA GLY A 16 7.81 -9.27 -4.89
C GLY A 16 6.32 -9.17 -5.19
N LYS A 17 5.49 -9.61 -4.25
CA LYS A 17 4.04 -9.57 -4.43
C LYS A 17 3.52 -8.15 -4.25
N ILE A 18 2.46 -7.81 -4.98
CA ILE A 18 1.87 -6.48 -4.89
C ILE A 18 0.41 -6.56 -4.46
N LEU A 19 0.07 -5.87 -3.37
CA LEU A 19 -1.29 -5.86 -2.88
C LEU A 19 -2.07 -4.68 -3.46
N THR A 20 -3.33 -4.92 -3.80
CA THR A 20 -4.17 -3.88 -4.36
C THR A 20 -4.84 -3.06 -3.26
N GLY A 21 -5.39 -1.91 -3.61
CA GLY A 21 -6.04 -1.07 -2.62
C GLY A 21 -7.14 -1.80 -1.85
N THR A 22 -7.62 -2.91 -2.41
CA THR A 22 -8.67 -3.69 -1.77
C THR A 22 -8.17 -4.40 -0.51
N ASP A 23 -6.98 -4.99 -0.61
CA ASP A 23 -6.40 -5.71 0.52
C ASP A 23 -5.38 -4.85 1.26
N ALA A 24 -4.82 -3.87 0.56
CA ALA A 24 -3.83 -2.97 1.14
C ALA A 24 -4.42 -2.18 2.31
N PRO A 25 -3.58 -1.71 3.24
CA PRO A 25 -4.01 -0.94 4.40
C PRO A 25 -4.40 0.49 4.04
N LYS A 26 -5.11 1.15 4.94
CA LYS A 26 -5.54 2.52 4.71
C LYS A 26 -4.37 3.48 4.83
N ALA A 27 -4.61 4.76 4.56
CA ALA A 27 -3.56 5.77 4.63
C ALA A 27 -2.99 5.87 6.04
N GLY A 28 -3.88 5.97 7.03
CA GLY A 28 -3.44 6.09 8.40
C GLY A 28 -2.95 4.76 8.97
N GLN A 29 -3.59 3.68 8.57
CA GLN A 29 -3.21 2.35 9.06
C GLN A 29 -2.00 1.79 8.30
N LEU A 30 -1.63 2.46 7.21
CA LEU A 30 -0.50 2.01 6.40
C LEU A 30 0.77 1.91 7.24
N GLU A 31 1.04 2.95 8.03
CA GLU A 31 2.23 2.97 8.87
C GLU A 31 2.28 1.74 9.77
N ALA A 32 1.16 1.45 10.43
CA ALA A 32 1.07 0.30 11.31
C ALA A 32 1.16 -1.00 10.53
N TRP A 33 0.57 -1.00 9.35
CA TRP A 33 0.58 -2.18 8.49
C TRP A 33 2.00 -2.48 8.01
N LEU A 34 2.75 -1.41 7.71
CA LEU A 34 4.12 -1.56 7.25
C LEU A 34 4.99 -2.12 8.36
N GLU A 35 4.82 -1.58 9.57
CA GLU A 35 5.58 -2.04 10.72
C GLU A 35 5.32 -3.52 10.96
N MET A 36 4.06 -3.93 10.80
CA MET A 36 3.68 -5.32 10.99
C MET A 36 4.05 -6.17 9.77
N ASN A 37 4.23 -5.50 8.62
CA ASN A 37 4.58 -6.18 7.39
C ASN A 37 5.73 -5.46 6.68
N PRO A 38 6.92 -5.43 7.30
CA PRO A 38 8.10 -4.76 6.73
C PRO A 38 8.49 -5.35 5.36
N GLY A 39 9.06 -4.50 4.51
CA GLY A 39 9.48 -4.94 3.20
C GLY A 39 8.54 -4.47 2.09
N TYR A 40 7.37 -3.98 2.48
CA TYR A 40 6.39 -3.50 1.51
C TYR A 40 6.67 -2.04 1.13
N GLU A 41 6.46 -1.73 -0.14
CA GLU A 41 6.68 -0.37 -0.64
C GLU A 41 5.47 0.10 -1.45
N VAL A 42 5.19 1.40 -1.37
CA VAL A 42 4.05 1.98 -2.09
C VAL A 42 4.13 1.65 -3.58
N ALA A 43 3.07 1.03 -4.10
CA ALA A 43 3.01 0.66 -5.51
C ALA A 43 3.03 1.90 -6.41
N PRO A 44 4.11 2.10 -7.17
CA PRO A 44 4.23 3.26 -8.07
C PRO A 44 3.29 3.17 -9.26
N ARG A 45 3.00 4.31 -9.88
CA ARG A 45 2.11 4.36 -11.03
C ARG A 45 2.88 4.10 -12.32
N SER A 46 2.37 3.19 -13.14
CA SER A 46 3.00 2.85 -14.41
C SER A 46 2.52 3.76 -15.54
N ASP A 47 1.55 4.62 -15.24
CA ASP A 47 1.02 5.54 -16.24
C ASP A 47 0.40 4.78 -17.41
N SER A 48 -0.41 5.48 -18.20
CA SER A 48 -1.05 4.87 -19.36
C SER A 48 -0.04 4.56 -20.46
N GLU A 49 0.65 5.59 -20.92
CA GLU A 49 1.65 5.44 -21.96
C GLU A 49 3.04 5.22 -21.37
N SER A 1 -12.52 13.00 -3.37
CA SER A 1 -11.82 14.25 -2.95
C SER A 1 -11.12 14.06 -1.61
N GLN A 2 -10.69 12.83 -1.35
CA GLN A 2 -10.00 12.52 -0.09
C GLN A 2 -9.00 11.39 -0.29
N MET A 3 -7.86 11.72 -0.89
CA MET A 3 -6.82 10.72 -1.14
C MET A 3 -6.37 10.06 0.16
N SER A 4 -6.44 10.81 1.26
CA SER A 4 -6.04 10.29 2.56
C SER A 4 -6.88 9.07 2.95
N ASP A 5 -8.11 9.03 2.45
CA ASP A 5 -9.01 7.92 2.74
C ASP A 5 -8.89 6.81 1.70
N LEU A 6 -8.49 7.19 0.48
CA LEU A 6 -8.33 6.22 -0.59
C LEU A 6 -7.31 5.15 -0.22
N PRO A 7 -7.45 3.93 -0.77
CA PRO A 7 -6.54 2.83 -0.48
C PRO A 7 -5.20 2.98 -1.21
N VAL A 8 -4.13 2.56 -0.55
CA VAL A 8 -2.78 2.64 -1.13
C VAL A 8 -2.16 1.27 -1.28
N LYS A 9 -1.91 0.87 -2.52
CA LYS A 9 -1.31 -0.43 -2.80
C LYS A 9 0.12 -0.50 -2.26
N VAL A 10 0.73 -1.67 -2.38
CA VAL A 10 2.10 -1.86 -1.90
C VAL A 10 2.75 -3.05 -2.60
N ILE A 11 4.07 -3.05 -2.61
CA ILE A 11 4.84 -4.13 -3.24
C ILE A 11 5.82 -4.75 -2.25
N HIS A 12 5.76 -6.06 -2.12
CA HIS A 12 6.65 -6.77 -1.20
C HIS A 12 7.94 -7.18 -1.93
N VAL A 13 9.08 -6.83 -1.33
CA VAL A 13 10.37 -7.15 -1.91
C VAL A 13 10.85 -8.52 -1.46
N GLU A 14 10.59 -8.85 -0.20
CA GLU A 14 11.00 -10.13 0.37
C GLU A 14 10.21 -11.29 -0.24
N SER A 15 8.96 -11.01 -0.64
CA SER A 15 8.11 -12.03 -1.23
C SER A 15 7.83 -11.74 -2.70
N GLY A 16 7.94 -10.48 -3.09
CA GLY A 16 7.70 -10.12 -4.48
C GLY A 16 6.21 -10.00 -4.79
N LYS A 17 5.37 -10.20 -3.79
CA LYS A 17 3.92 -10.13 -3.98
C LYS A 17 3.47 -8.67 -4.06
N ILE A 18 2.31 -8.45 -4.68
CA ILE A 18 1.77 -7.11 -4.84
C ILE A 18 0.34 -7.04 -4.32
N LEU A 19 0.08 -6.13 -3.38
CA LEU A 19 -1.26 -5.96 -2.82
C LEU A 19 -1.95 -4.75 -3.42
N THR A 20 -3.18 -4.95 -3.89
CA THR A 20 -3.95 -3.87 -4.49
C THR A 20 -4.69 -3.08 -3.40
N GLY A 21 -5.20 -1.91 -3.77
CA GLY A 21 -5.92 -1.09 -2.80
C GLY A 21 -6.99 -1.87 -2.06
N THR A 22 -7.44 -2.96 -2.65
CA THR A 22 -8.48 -3.79 -2.04
C THR A 22 -7.98 -4.50 -0.78
N ASP A 23 -6.77 -5.05 -0.86
CA ASP A 23 -6.19 -5.77 0.28
C ASP A 23 -5.21 -4.88 1.06
N ALA A 24 -4.65 -3.89 0.38
CA ALA A 24 -3.70 -2.97 1.01
C ALA A 24 -4.34 -2.21 2.16
N PRO A 25 -3.53 -1.76 3.12
CA PRO A 25 -4.02 -1.01 4.28
C PRO A 25 -4.38 0.43 3.94
N LYS A 26 -5.17 1.07 4.80
CA LYS A 26 -5.58 2.46 4.58
C LYS A 26 -4.49 3.41 5.03
N ALA A 27 -4.52 4.63 4.52
CA ALA A 27 -3.52 5.63 4.88
C ALA A 27 -3.41 5.80 6.39
N GLY A 28 -4.50 5.51 7.10
CA GLY A 28 -4.51 5.64 8.54
C GLY A 28 -3.74 4.54 9.26
N GLN A 29 -3.82 3.33 8.72
CA GLN A 29 -3.14 2.19 9.34
C GLN A 29 -1.98 1.68 8.46
N LEU A 30 -1.62 2.45 7.44
CA LEU A 30 -0.54 2.07 6.54
C LEU A 30 0.79 1.94 7.29
N GLU A 31 1.14 3.00 8.03
CA GLU A 31 2.39 3.02 8.80
C GLU A 31 2.48 1.79 9.70
N ALA A 32 1.38 1.45 10.34
CA ALA A 32 1.35 0.30 11.24
C ALA A 32 1.46 -1.01 10.45
N TRP A 33 0.80 -1.04 9.30
CA TRP A 33 0.82 -2.23 8.45
C TRP A 33 2.23 -2.48 7.93
N LEU A 34 2.88 -1.44 7.44
CA LEU A 34 4.23 -1.56 6.92
C LEU A 34 5.21 -1.96 8.02
N GLU A 35 5.01 -1.38 9.21
CA GLU A 35 5.87 -1.68 10.35
C GLU A 35 5.77 -3.17 10.70
N MET A 36 4.56 -3.71 10.66
CA MET A 36 4.34 -5.11 10.97
C MET A 36 4.75 -6.01 9.80
N ASN A 37 4.52 -5.52 8.59
CA ASN A 37 4.87 -6.28 7.38
C ASN A 37 6.04 -5.62 6.65
N PRO A 38 7.28 -5.88 7.12
CA PRO A 38 8.49 -5.32 6.50
C PRO A 38 8.75 -5.89 5.11
N GLY A 39 9.33 -5.06 4.25
CA GLY A 39 9.63 -5.49 2.89
C GLY A 39 8.67 -4.90 1.88
N TYR A 40 7.55 -4.36 2.34
CA TYR A 40 6.56 -3.77 1.46
C TYR A 40 6.86 -2.30 1.18
N GLU A 41 6.48 -1.84 0.00
CA GLU A 41 6.71 -0.45 -0.39
C GLU A 41 5.47 0.13 -1.06
N VAL A 42 5.22 1.42 -0.84
CA VAL A 42 4.07 2.09 -1.42
C VAL A 42 4.08 2.00 -2.95
N ALA A 43 2.97 1.54 -3.52
CA ALA A 43 2.87 1.41 -4.97
C ALA A 43 2.57 2.75 -5.63
N PRO A 44 3.14 3.02 -6.81
CA PRO A 44 2.93 4.27 -7.53
C PRO A 44 1.45 4.57 -7.75
N ARG A 45 1.14 5.84 -7.98
CA ARG A 45 -0.25 6.25 -8.21
C ARG A 45 -1.12 5.92 -7.00
N SER A 46 -2.38 6.34 -7.05
CA SER A 46 -3.32 6.07 -5.96
C SER A 46 -4.37 5.06 -6.39
N ASP A 47 -4.71 5.07 -7.67
CA ASP A 47 -5.71 4.15 -8.21
C ASP A 47 -5.38 3.79 -9.66
N SER A 48 -6.29 3.06 -10.30
CA SER A 48 -6.10 2.65 -11.68
C SER A 48 -7.39 2.83 -12.49
N GLU A 49 -8.50 2.35 -11.94
CA GLU A 49 -9.79 2.47 -12.61
C GLU A 49 -10.93 2.43 -11.60
N SER A 1 -12.16 10.27 -2.35
CA SER A 1 -12.35 11.32 -1.32
C SER A 1 -11.14 11.40 -0.39
N GLN A 2 -10.26 12.35 -0.66
CA GLN A 2 -9.06 12.54 0.16
C GLN A 2 -8.15 11.31 0.08
N MET A 3 -6.88 11.55 -0.26
CA MET A 3 -5.91 10.46 -0.37
C MET A 3 -5.80 9.69 0.95
N SER A 4 -6.03 10.39 2.05
CA SER A 4 -5.95 9.77 3.37
C SER A 4 -7.04 8.71 3.54
N ASP A 5 -8.12 8.85 2.78
CA ASP A 5 -9.23 7.91 2.86
C ASP A 5 -9.10 6.82 1.78
N LEU A 6 -8.45 7.17 0.67
CA LEU A 6 -8.25 6.23 -0.43
C LEU A 6 -7.21 5.17 -0.06
N PRO A 7 -7.32 3.96 -0.65
CA PRO A 7 -6.40 2.86 -0.39
C PRO A 7 -5.06 3.04 -1.12
N VAL A 8 -3.98 2.59 -0.48
CA VAL A 8 -2.65 2.70 -1.08
C VAL A 8 -2.03 1.32 -1.28
N LYS A 9 -1.72 0.99 -2.52
CA LYS A 9 -1.11 -0.30 -2.84
C LYS A 9 0.23 -0.47 -2.14
N VAL A 10 0.76 -1.68 -2.19
CA VAL A 10 2.04 -1.96 -1.57
C VAL A 10 2.70 -3.18 -2.22
N ILE A 11 4.02 -3.14 -2.37
CA ILE A 11 4.76 -4.23 -2.99
C ILE A 11 5.85 -4.76 -2.05
N HIS A 12 5.84 -6.07 -1.84
CA HIS A 12 6.83 -6.70 -0.97
C HIS A 12 8.09 -7.05 -1.75
N VAL A 13 9.24 -6.69 -1.21
CA VAL A 13 10.51 -6.97 -1.88
C VAL A 13 11.02 -8.36 -1.51
N GLU A 14 10.68 -8.81 -0.30
CA GLU A 14 11.10 -10.13 0.17
C GLU A 14 10.43 -11.25 -0.60
N SER A 15 9.16 -11.05 -0.96
CA SER A 15 8.42 -12.07 -1.71
C SER A 15 8.11 -11.59 -3.13
N GLY A 16 8.09 -10.28 -3.32
CA GLY A 16 7.81 -9.73 -4.64
C GLY A 16 6.32 -9.55 -4.89
N LYS A 17 5.49 -10.08 -4.01
CA LYS A 17 4.04 -9.97 -4.14
C LYS A 17 3.58 -8.54 -3.92
N ILE A 18 2.60 -8.10 -4.69
CA ILE A 18 2.08 -6.74 -4.57
C ILE A 18 0.59 -6.75 -4.25
N LEU A 19 0.20 -6.01 -3.22
CA LEU A 19 -1.20 -5.92 -2.81
C LEU A 19 -1.87 -4.70 -3.43
N THR A 20 -3.11 -4.87 -3.87
CA THR A 20 -3.86 -3.77 -4.49
C THR A 20 -4.56 -2.94 -3.40
N GLY A 21 -5.03 -1.77 -3.79
CA GLY A 21 -5.72 -0.91 -2.85
C GLY A 21 -6.92 -1.57 -2.19
N THR A 22 -7.41 -2.65 -2.81
CA THR A 22 -8.57 -3.36 -2.28
C THR A 22 -8.22 -4.11 -1.00
N ASP A 23 -7.07 -4.78 -1.00
CA ASP A 23 -6.62 -5.54 0.17
C ASP A 23 -5.62 -4.75 1.00
N ALA A 24 -4.98 -3.77 0.37
CA ALA A 24 -4.00 -2.94 1.05
C ALA A 24 -4.61 -2.17 2.20
N PRO A 25 -3.80 -1.76 3.18
CA PRO A 25 -4.28 -1.00 4.35
C PRO A 25 -4.63 0.44 3.99
N LYS A 26 -5.38 1.10 4.88
CA LYS A 26 -5.78 2.48 4.66
C LYS A 26 -4.59 3.42 4.83
N ALA A 27 -4.81 4.70 4.58
CA ALA A 27 -3.75 5.70 4.70
C ALA A 27 -3.19 5.73 6.12
N GLY A 28 -4.08 5.79 7.11
CA GLY A 28 -3.64 5.83 8.50
C GLY A 28 -3.14 4.50 9.00
N GLN A 29 -3.77 3.42 8.56
CA GLN A 29 -3.39 2.08 8.98
C GLN A 29 -2.18 1.56 8.19
N LEU A 30 -1.81 2.27 7.13
CA LEU A 30 -0.68 1.86 6.30
C LEU A 30 0.62 1.85 7.11
N GLU A 31 0.88 2.93 7.83
CA GLU A 31 2.10 3.04 8.63
C GLU A 31 2.25 1.84 9.56
N ALA A 32 1.16 1.50 10.23
CA ALA A 32 1.16 0.36 11.15
C ALA A 32 1.29 -0.96 10.41
N TRP A 33 0.65 -1.03 9.24
CA TRP A 33 0.69 -2.23 8.43
C TRP A 33 2.10 -2.48 7.92
N LEU A 34 2.77 -1.41 7.51
CA LEU A 34 4.14 -1.51 7.01
C LEU A 34 5.09 -1.92 8.12
N GLU A 35 4.90 -1.32 9.30
CA GLU A 35 5.74 -1.63 10.44
C GLU A 35 5.62 -3.11 10.80
N MET A 36 4.40 -3.64 10.72
CA MET A 36 4.16 -5.05 11.03
C MET A 36 4.60 -5.93 9.87
N ASN A 37 4.40 -5.45 8.65
CA ASN A 37 4.79 -6.19 7.46
C ASN A 37 5.95 -5.50 6.74
N PRO A 38 7.19 -5.72 7.24
CA PRO A 38 8.39 -5.11 6.65
C PRO A 38 8.70 -5.68 5.27
N GLY A 39 9.27 -4.84 4.42
CA GLY A 39 9.61 -5.27 3.07
C GLY A 39 8.66 -4.74 2.02
N TYR A 40 7.57 -4.12 2.45
CA TYR A 40 6.58 -3.58 1.53
C TYR A 40 6.86 -2.11 1.23
N GLU A 41 6.34 -1.64 0.09
CA GLU A 41 6.53 -0.26 -0.32
C GLU A 41 5.33 0.21 -1.14
N VAL A 42 5.05 1.51 -1.09
CA VAL A 42 3.92 2.07 -1.84
C VAL A 42 4.00 1.70 -3.31
N ALA A 43 2.97 1.00 -3.79
CA ALA A 43 2.92 0.57 -5.18
C ALA A 43 2.38 1.68 -6.08
N PRO A 44 2.94 1.82 -7.30
CA PRO A 44 2.52 2.85 -8.25
C PRO A 44 1.20 2.51 -8.93
N ARG A 45 0.50 3.53 -9.40
CA ARG A 45 -0.78 3.34 -10.08
C ARG A 45 -0.67 3.64 -11.57
N SER A 46 0.36 4.39 -11.95
CA SER A 46 0.57 4.76 -13.35
C SER A 46 -0.55 5.65 -13.85
N ASP A 47 -1.10 6.46 -12.96
CA ASP A 47 -2.18 7.37 -13.31
C ASP A 47 -1.84 8.81 -12.91
N SER A 48 -2.71 9.74 -13.28
CA SER A 48 -2.50 11.15 -12.96
C SER A 48 -3.10 11.49 -11.60
N GLU A 49 -4.43 11.40 -11.50
CA GLU A 49 -5.12 11.69 -10.26
C GLU A 49 -6.00 10.52 -9.83
N SER A 1 -12.07 14.20 -3.73
CA SER A 1 -11.62 15.09 -2.64
C SER A 1 -11.39 14.32 -1.35
N GLN A 2 -11.03 13.05 -1.48
CA GLN A 2 -10.78 12.20 -0.33
C GLN A 2 -9.73 11.13 -0.65
N MET A 3 -8.69 11.53 -1.36
CA MET A 3 -7.62 10.62 -1.74
C MET A 3 -6.93 10.06 -0.51
N SER A 4 -6.88 10.85 0.56
CA SER A 4 -6.25 10.43 1.80
C SER A 4 -6.96 9.23 2.40
N ASP A 5 -8.27 9.15 2.17
CA ASP A 5 -9.07 8.05 2.69
C ASP A 5 -8.93 6.80 1.83
N LEU A 6 -8.63 7.00 0.54
CA LEU A 6 -8.46 5.89 -0.38
C LEU A 6 -7.29 5.01 0.03
N PRO A 7 -7.36 3.70 -0.26
CA PRO A 7 -6.30 2.75 0.09
C PRO A 7 -5.09 2.89 -0.82
N VAL A 8 -3.93 2.46 -0.31
CA VAL A 8 -2.69 2.54 -1.07
C VAL A 8 -2.10 1.16 -1.31
N LYS A 9 -1.93 0.79 -2.57
CA LYS A 9 -1.37 -0.50 -2.93
C LYS A 9 0.14 -0.53 -2.72
N VAL A 10 0.63 -1.60 -2.12
CA VAL A 10 2.06 -1.75 -1.86
C VAL A 10 2.60 -3.03 -2.46
N ILE A 11 3.92 -3.24 -2.34
CA ILE A 11 4.55 -4.43 -2.87
C ILE A 11 5.67 -4.93 -1.96
N HIS A 12 5.68 -6.23 -1.70
CA HIS A 12 6.69 -6.85 -0.86
C HIS A 12 7.93 -7.18 -1.69
N VAL A 13 9.11 -6.90 -1.14
CA VAL A 13 10.36 -7.17 -1.85
C VAL A 13 10.80 -8.60 -1.65
N GLU A 14 10.57 -9.13 -0.45
CA GLU A 14 10.96 -10.50 -0.12
C GLU A 14 10.12 -11.51 -0.89
N SER A 15 8.86 -11.17 -1.15
CA SER A 15 7.95 -12.07 -1.86
C SER A 15 7.67 -11.56 -3.28
N GLY A 16 7.84 -10.26 -3.49
CA GLY A 16 7.59 -9.69 -4.80
C GLY A 16 6.10 -9.51 -5.09
N LYS A 17 5.26 -9.80 -4.09
CA LYS A 17 3.83 -9.67 -4.25
C LYS A 17 3.40 -8.21 -4.18
N ILE A 18 2.34 -7.87 -4.91
CA ILE A 18 1.84 -6.49 -4.92
C ILE A 18 0.38 -6.43 -4.49
N LEU A 19 0.15 -5.97 -3.26
CA LEU A 19 -1.21 -5.84 -2.74
C LEU A 19 -1.87 -4.59 -3.28
N THR A 20 -3.10 -4.74 -3.80
CA THR A 20 -3.83 -3.61 -4.35
C THR A 20 -4.59 -2.88 -3.24
N GLY A 21 -5.06 -1.68 -3.55
CA GLY A 21 -5.79 -0.90 -2.56
C GLY A 21 -6.91 -1.67 -1.90
N THR A 22 -7.38 -2.73 -2.56
CA THR A 22 -8.46 -3.55 -2.02
C THR A 22 -8.01 -4.32 -0.78
N ASP A 23 -6.81 -4.90 -0.84
CA ASP A 23 -6.28 -5.66 0.28
C ASP A 23 -5.31 -4.82 1.13
N ALA A 24 -4.74 -3.79 0.51
CA ALA A 24 -3.80 -2.92 1.19
C ALA A 24 -4.45 -2.20 2.36
N PRO A 25 -3.65 -1.76 3.35
CA PRO A 25 -4.15 -1.06 4.54
C PRO A 25 -4.54 0.39 4.23
N LYS A 26 -5.30 0.99 5.13
CA LYS A 26 -5.74 2.37 4.95
C LYS A 26 -4.57 3.33 5.17
N ALA A 27 -4.81 4.62 4.93
CA ALA A 27 -3.77 5.63 5.10
C ALA A 27 -3.28 5.68 6.54
N GLY A 28 -4.21 5.64 7.49
CA GLY A 28 -3.84 5.70 8.90
C GLY A 28 -3.25 4.40 9.41
N GLN A 29 -3.76 3.28 8.92
CA GLN A 29 -3.28 1.98 9.36
C GLN A 29 -2.08 1.50 8.53
N LEU A 30 -1.75 2.24 7.47
CA LEU A 30 -0.62 1.89 6.61
C LEU A 30 0.68 1.85 7.41
N GLU A 31 0.94 2.90 8.18
CA GLU A 31 2.16 2.98 8.97
C GLU A 31 2.34 1.74 9.84
N ALA A 32 1.29 1.39 10.57
CA ALA A 32 1.32 0.23 11.44
C ALA A 32 1.44 -1.06 10.63
N TRP A 33 0.81 -1.07 9.47
CA TRP A 33 0.85 -2.24 8.60
C TRP A 33 2.25 -2.49 8.07
N LEU A 34 2.90 -1.42 7.61
CA LEU A 34 4.26 -1.52 7.08
C LEU A 34 5.22 -1.98 8.17
N GLU A 35 5.08 -1.40 9.35
CA GLU A 35 5.93 -1.76 10.48
C GLU A 35 5.76 -3.24 10.84
N MET A 36 4.52 -3.72 10.76
CA MET A 36 4.22 -5.11 11.07
C MET A 36 4.60 -6.02 9.90
N ASN A 37 4.61 -5.45 8.69
CA ASN A 37 4.96 -6.21 7.50
C ASN A 37 6.14 -5.57 6.76
N PRO A 38 7.37 -5.78 7.26
CA PRO A 38 8.58 -5.22 6.65
C PRO A 38 8.83 -5.79 5.25
N GLY A 39 9.36 -4.94 4.37
CA GLY A 39 9.66 -5.35 3.02
C GLY A 39 8.65 -4.84 2.01
N TYR A 40 7.62 -4.15 2.48
CA TYR A 40 6.60 -3.61 1.60
C TYR A 40 6.89 -2.15 1.26
N GLU A 41 6.41 -1.70 0.10
CA GLU A 41 6.62 -0.33 -0.34
C GLU A 41 5.45 0.15 -1.18
N VAL A 42 5.14 1.43 -1.09
CA VAL A 42 4.04 2.02 -1.85
C VAL A 42 4.21 1.80 -3.34
N ALA A 43 3.19 1.24 -3.97
CA ALA A 43 3.24 0.97 -5.41
C ALA A 43 3.33 2.27 -6.21
N PRO A 44 4.00 2.24 -7.36
CA PRO A 44 4.15 3.43 -8.22
C PRO A 44 2.86 3.80 -8.93
N ARG A 45 2.75 5.06 -9.31
CA ARG A 45 1.55 5.55 -10.00
C ARG A 45 1.59 5.19 -11.48
N SER A 46 2.79 5.06 -12.03
CA SER A 46 2.97 4.72 -13.43
C SER A 46 2.30 5.76 -14.34
N ASP A 47 2.24 7.00 -13.87
CA ASP A 47 1.64 8.08 -14.64
C ASP A 47 0.16 7.80 -14.90
N SER A 48 -0.71 8.61 -14.31
CA SER A 48 -2.14 8.46 -14.49
C SER A 48 -2.61 7.11 -13.94
N GLU A 49 -2.43 6.05 -14.72
CA GLU A 49 -2.83 4.72 -14.31
C GLU A 49 -1.71 3.72 -14.52
N SER A 1 -11.27 15.45 4.45
CA SER A 1 -10.29 14.91 3.46
C SER A 1 -10.95 13.96 2.48
N GLN A 2 -10.16 13.38 1.59
CA GLN A 2 -10.67 12.44 0.60
C GLN A 2 -9.59 11.46 0.15
N MET A 3 -8.47 12.00 -0.33
CA MET A 3 -7.35 11.18 -0.77
C MET A 3 -6.78 10.36 0.37
N SER A 4 -6.76 10.96 1.56
CA SER A 4 -6.22 10.30 2.75
C SER A 4 -7.08 9.10 3.13
N ASP A 5 -8.33 9.10 2.68
CA ASP A 5 -9.25 8.00 2.99
C ASP A 5 -9.26 6.96 1.87
N LEU A 6 -8.22 6.98 1.03
CA LEU A 6 -8.13 6.03 -0.08
C LEU A 6 -7.05 4.98 0.20
N PRO A 7 -7.25 3.76 -0.31
CA PRO A 7 -6.29 2.66 -0.10
C PRO A 7 -5.04 2.81 -0.96
N VAL A 8 -3.89 2.55 -0.35
CA VAL A 8 -2.61 2.66 -1.05
C VAL A 8 -1.96 1.29 -1.22
N LYS A 9 -1.83 0.86 -2.47
CA LYS A 9 -1.22 -0.43 -2.78
C LYS A 9 0.21 -0.49 -2.28
N VAL A 10 0.82 -1.67 -2.38
CA VAL A 10 2.19 -1.85 -1.94
C VAL A 10 2.84 -3.06 -2.61
N ILE A 11 4.16 -3.09 -2.63
CA ILE A 11 4.90 -4.19 -3.24
C ILE A 11 5.88 -4.80 -2.25
N HIS A 12 5.80 -6.11 -2.09
CA HIS A 12 6.68 -6.83 -1.16
C HIS A 12 7.97 -7.24 -1.86
N VAL A 13 9.10 -6.89 -1.25
CA VAL A 13 10.40 -7.23 -1.83
C VAL A 13 10.87 -8.60 -1.35
N GLU A 14 10.43 -8.99 -0.15
CA GLU A 14 10.80 -10.27 0.42
C GLU A 14 10.18 -11.43 -0.35
N SER A 15 8.95 -11.24 -0.81
CA SER A 15 8.25 -12.28 -1.55
C SER A 15 7.99 -11.86 -3.00
N GLY A 16 7.97 -10.55 -3.24
CA GLY A 16 7.73 -10.05 -4.59
C GLY A 16 6.26 -9.80 -4.87
N LYS A 17 5.39 -10.32 -4.00
CA LYS A 17 3.96 -10.14 -4.17
C LYS A 17 3.54 -8.69 -3.95
N ILE A 18 2.56 -8.23 -4.73
CA ILE A 18 2.08 -6.86 -4.63
C ILE A 18 0.59 -6.84 -4.28
N LEU A 19 0.26 -6.09 -3.23
CA LEU A 19 -1.14 -5.98 -2.80
C LEU A 19 -1.79 -4.75 -3.42
N THR A 20 -3.00 -4.92 -3.95
CA THR A 20 -3.73 -3.82 -4.57
C THR A 20 -4.51 -3.05 -3.51
N GLY A 21 -4.99 -1.87 -3.88
CA GLY A 21 -5.75 -1.04 -2.95
C GLY A 21 -6.87 -1.81 -2.26
N THR A 22 -7.33 -2.88 -2.89
CA THR A 22 -8.40 -3.69 -2.32
C THR A 22 -7.96 -4.37 -1.02
N ASP A 23 -6.76 -4.91 -1.02
CA ASP A 23 -6.22 -5.60 0.16
C ASP A 23 -5.29 -4.68 0.94
N ALA A 24 -4.78 -3.65 0.29
CA ALA A 24 -3.87 -2.70 0.93
C ALA A 24 -4.55 -1.99 2.10
N PRO A 25 -3.75 -1.59 3.11
CA PRO A 25 -4.27 -0.89 4.30
C PRO A 25 -4.61 0.57 4.01
N LYS A 26 -5.40 1.17 4.89
CA LYS A 26 -5.78 2.57 4.73
C LYS A 26 -4.60 3.49 5.00
N ALA A 27 -4.78 4.78 4.73
CA ALA A 27 -3.71 5.76 4.95
C ALA A 27 -3.33 5.84 6.43
N GLY A 28 -4.33 5.75 7.30
CA GLY A 28 -4.07 5.83 8.72
C GLY A 28 -3.44 4.57 9.30
N GLN A 29 -3.84 3.41 8.78
CA GLN A 29 -3.32 2.14 9.25
C GLN A 29 -2.13 1.65 8.42
N LEU A 30 -1.80 2.39 7.36
CA LEU A 30 -0.68 2.03 6.49
C LEU A 30 0.62 1.95 7.26
N GLU A 31 0.92 3.01 8.02
CA GLU A 31 2.15 3.07 8.80
C GLU A 31 2.30 1.83 9.69
N ALA A 32 1.20 1.46 10.34
CA ALA A 32 1.21 0.29 11.22
C ALA A 32 1.34 -0.99 10.42
N TRP A 33 0.71 -1.02 9.26
CA TRP A 33 0.75 -2.20 8.39
C TRP A 33 2.15 -2.42 7.85
N LEU A 34 2.81 -1.32 7.47
CA LEU A 34 4.16 -1.40 6.93
C LEU A 34 5.15 -1.83 8.01
N GLU A 35 4.99 -1.27 9.20
CA GLU A 35 5.85 -1.61 10.33
C GLU A 35 5.73 -3.09 10.67
N MET A 36 4.51 -3.60 10.62
CA MET A 36 4.25 -5.00 10.92
C MET A 36 4.67 -5.89 9.76
N ASN A 37 4.45 -5.40 8.54
CA ASN A 37 4.80 -6.15 7.34
C ASN A 37 6.01 -5.53 6.65
N PRO A 38 7.22 -5.84 7.13
CA PRO A 38 8.46 -5.30 6.55
C PRO A 38 8.74 -5.85 5.16
N GLY A 39 9.36 -5.03 4.32
CA GLY A 39 9.67 -5.45 2.96
C GLY A 39 8.74 -4.84 1.94
N TYR A 40 7.58 -4.38 2.38
CA TYR A 40 6.59 -3.78 1.49
C TYR A 40 6.93 -2.32 1.24
N GLU A 41 6.56 -1.84 0.05
CA GLU A 41 6.81 -0.45 -0.34
C GLU A 41 5.64 0.11 -1.13
N VAL A 42 5.49 1.43 -1.12
CA VAL A 42 4.41 2.08 -1.85
C VAL A 42 4.41 1.68 -3.32
N ALA A 43 3.26 1.22 -3.81
CA ALA A 43 3.15 0.81 -5.21
C ALA A 43 2.42 1.86 -6.05
N PRO A 44 3.16 2.63 -6.87
CA PRO A 44 2.58 3.66 -7.73
C PRO A 44 1.62 3.09 -8.76
N ARG A 45 0.74 3.94 -9.28
CA ARG A 45 -0.23 3.52 -10.28
C ARG A 45 0.46 3.10 -11.58
N SER A 46 0.44 1.81 -11.86
CA SER A 46 1.07 1.28 -13.07
C SER A 46 0.07 0.52 -13.92
N ASP A 47 -1.18 0.97 -13.91
CA ASP A 47 -2.24 0.32 -14.68
C ASP A 47 -1.90 0.33 -16.17
N SER A 48 -1.19 1.36 -16.60
CA SER A 48 -0.82 1.49 -18.01
C SER A 48 0.56 0.89 -18.25
N GLU A 49 0.63 -0.03 -19.22
CA GLU A 49 1.90 -0.69 -19.55
C GLU A 49 2.45 -1.46 -18.35
N SER A 1 -15.79 9.36 -0.73
CA SER A 1 -14.57 8.71 -1.27
C SER A 1 -13.34 9.04 -0.42
N GLN A 2 -13.13 10.33 -0.17
CA GLN A 2 -12.00 10.77 0.63
C GLN A 2 -10.68 10.35 -0.02
N MET A 3 -10.06 11.26 -0.76
CA MET A 3 -8.80 10.98 -1.44
C MET A 3 -7.67 10.82 -0.42
N SER A 4 -7.78 11.51 0.70
CA SER A 4 -6.77 11.45 1.75
C SER A 4 -6.82 10.11 2.49
N ASP A 5 -8.00 9.50 2.50
CA ASP A 5 -8.18 8.22 3.18
C ASP A 5 -8.29 7.07 2.18
N LEU A 6 -7.85 7.30 0.96
CA LEU A 6 -7.90 6.27 -0.08
C LEU A 6 -6.91 5.14 0.23
N PRO A 7 -7.10 3.98 -0.40
CA PRO A 7 -6.23 2.82 -0.20
C PRO A 7 -4.88 2.97 -0.90
N VAL A 8 -3.81 2.55 -0.23
CA VAL A 8 -2.47 2.64 -0.79
C VAL A 8 -1.87 1.26 -1.00
N LYS A 9 -1.62 0.90 -2.26
CA LYS A 9 -1.04 -0.40 -2.58
C LYS A 9 0.33 -0.55 -1.96
N VAL A 10 0.88 -1.76 -2.03
CA VAL A 10 2.20 -2.04 -1.49
C VAL A 10 2.81 -3.27 -2.15
N ILE A 11 4.12 -3.26 -2.31
CA ILE A 11 4.83 -4.38 -2.93
C ILE A 11 5.93 -4.91 -2.03
N HIS A 12 5.90 -6.23 -1.80
CA HIS A 12 6.88 -6.89 -0.96
C HIS A 12 8.15 -7.21 -1.75
N VAL A 13 9.30 -6.87 -1.20
CA VAL A 13 10.57 -7.14 -1.87
C VAL A 13 11.09 -8.52 -1.52
N GLU A 14 10.75 -9.01 -0.33
CA GLU A 14 11.18 -10.31 0.13
C GLU A 14 10.51 -11.43 -0.67
N SER A 15 9.24 -11.22 -1.02
CA SER A 15 8.48 -12.21 -1.78
C SER A 15 8.19 -11.72 -3.19
N GLY A 16 8.20 -10.40 -3.38
CA GLY A 16 7.94 -9.84 -4.69
C GLY A 16 6.45 -9.67 -4.97
N LYS A 17 5.61 -10.18 -4.08
CA LYS A 17 4.16 -10.07 -4.25
C LYS A 17 3.70 -8.63 -4.07
N ILE A 18 2.60 -8.27 -4.71
CA ILE A 18 2.05 -6.92 -4.63
C ILE A 18 0.58 -6.95 -4.23
N LEU A 19 0.19 -6.03 -3.34
CA LEU A 19 -1.19 -5.94 -2.89
C LEU A 19 -1.90 -4.75 -3.52
N THR A 20 -3.15 -4.95 -3.92
CA THR A 20 -3.94 -3.88 -4.54
C THR A 20 -4.61 -3.04 -3.47
N GLY A 21 -5.12 -1.87 -3.88
CA GLY A 21 -5.78 -0.99 -2.94
C GLY A 21 -6.94 -1.66 -2.21
N THR A 22 -7.44 -2.76 -2.76
CA THR A 22 -8.56 -3.48 -2.17
C THR A 22 -8.14 -4.19 -0.89
N ASP A 23 -6.98 -4.84 -0.93
CA ASP A 23 -6.47 -5.57 0.23
C ASP A 23 -5.44 -4.75 1.01
N ALA A 24 -4.86 -3.77 0.34
CA ALA A 24 -3.85 -2.91 0.96
C ALA A 24 -4.44 -2.13 2.14
N PRO A 25 -3.59 -1.71 3.08
CA PRO A 25 -4.03 -0.96 4.27
C PRO A 25 -4.41 0.48 3.93
N LYS A 26 -5.11 1.13 4.84
CA LYS A 26 -5.53 2.51 4.65
C LYS A 26 -4.35 3.46 4.79
N ALA A 27 -4.59 4.74 4.55
CA ALA A 27 -3.52 5.74 4.66
C ALA A 27 -2.95 5.79 6.07
N GLY A 28 -3.83 5.86 7.06
CA GLY A 28 -3.38 5.91 8.44
C GLY A 28 -2.89 4.57 8.96
N GLN A 29 -3.54 3.50 8.52
CA GLN A 29 -3.17 2.15 8.95
C GLN A 29 -1.96 1.63 8.17
N LEU A 30 -1.59 2.32 7.10
CA LEU A 30 -0.45 1.91 6.28
C LEU A 30 0.82 1.82 7.12
N GLU A 31 1.10 2.87 7.88
CA GLU A 31 2.30 2.92 8.72
C GLU A 31 2.37 1.69 9.63
N ALA A 32 1.25 1.36 10.25
CA ALA A 32 1.19 0.22 11.15
C ALA A 32 1.30 -1.09 10.36
N TRP A 33 0.68 -1.12 9.19
CA TRP A 33 0.71 -2.29 8.34
C TRP A 33 2.13 -2.59 7.87
N LEU A 34 2.85 -1.54 7.49
CA LEU A 34 4.22 -1.68 7.02
C LEU A 34 5.12 -2.14 8.16
N GLU A 35 4.92 -1.55 9.33
CA GLU A 35 5.70 -1.91 10.51
C GLU A 35 5.55 -3.40 10.82
N MET A 36 4.32 -3.89 10.70
CA MET A 36 4.04 -5.30 10.97
C MET A 36 4.48 -6.17 9.80
N ASN A 37 4.34 -5.64 8.59
CA ASN A 37 4.73 -6.37 7.39
C ASN A 37 5.92 -5.69 6.71
N PRO A 38 7.14 -5.93 7.22
CA PRO A 38 8.36 -5.34 6.67
C PRO A 38 8.69 -5.90 5.28
N GLY A 39 9.26 -5.05 4.44
CA GLY A 39 9.62 -5.47 3.10
C GLY A 39 8.67 -4.96 2.04
N TYR A 40 7.58 -4.31 2.47
CA TYR A 40 6.59 -3.77 1.54
C TYR A 40 6.86 -2.30 1.27
N GLU A 41 6.50 -1.85 0.06
CA GLU A 41 6.68 -0.47 -0.33
C GLU A 41 5.44 0.05 -1.05
N VAL A 42 5.11 1.32 -0.86
CA VAL A 42 3.94 1.92 -1.49
C VAL A 42 3.96 1.73 -3.00
N ALA A 43 2.91 1.11 -3.53
CA ALA A 43 2.80 0.87 -4.96
C ALA A 43 1.92 1.90 -5.64
N PRO A 44 2.53 2.94 -6.25
CA PRO A 44 1.78 4.00 -6.94
C PRO A 44 1.07 3.49 -8.19
N ARG A 45 0.01 4.19 -8.59
CA ARG A 45 -0.76 3.81 -9.78
C ARG A 45 -0.54 4.81 -10.91
N SER A 46 -1.14 4.53 -12.06
CA SER A 46 -1.02 5.41 -13.23
C SER A 46 -2.40 5.80 -13.75
N ASP A 47 -3.29 4.83 -13.82
CA ASP A 47 -4.64 5.07 -14.32
C ASP A 47 -5.49 5.79 -13.26
N SER A 48 -5.33 7.11 -13.19
CA SER A 48 -6.07 7.92 -12.23
C SER A 48 -6.78 9.08 -12.93
N GLU A 49 -6.06 9.76 -13.81
CA GLU A 49 -6.62 10.88 -14.55
C GLU A 49 -7.19 10.43 -15.89
N SER A 1 -6.76 14.24 4.33
CA SER A 1 -8.10 14.87 4.17
C SER A 1 -8.98 14.03 3.23
N GLN A 2 -8.41 13.62 2.11
CA GLN A 2 -9.14 12.82 1.12
C GLN A 2 -8.37 11.55 0.79
N MET A 3 -7.12 11.70 0.38
CA MET A 3 -6.28 10.57 0.02
C MET A 3 -6.13 9.61 1.20
N SER A 4 -6.21 10.16 2.41
CA SER A 4 -6.06 9.37 3.62
C SER A 4 -7.11 8.25 3.67
N ASP A 5 -8.24 8.47 3.02
CA ASP A 5 -9.32 7.49 2.98
C ASP A 5 -9.15 6.51 1.83
N LEU A 6 -8.49 6.97 0.76
CA LEU A 6 -8.26 6.13 -0.40
C LEU A 6 -7.23 5.05 -0.11
N PRO A 7 -7.38 3.86 -0.72
CA PRO A 7 -6.46 2.74 -0.52
C PRO A 7 -5.16 2.91 -1.30
N VAL A 8 -4.06 2.49 -0.68
CA VAL A 8 -2.75 2.60 -1.32
C VAL A 8 -2.12 1.22 -1.50
N LYS A 9 -1.79 0.88 -2.75
CA LYS A 9 -1.17 -0.41 -3.05
C LYS A 9 0.20 -0.52 -2.41
N VAL A 10 0.78 -1.71 -2.47
CA VAL A 10 2.10 -1.94 -1.90
C VAL A 10 2.78 -3.14 -2.55
N ILE A 11 4.11 -3.12 -2.56
CA ILE A 11 4.89 -4.21 -3.14
C ILE A 11 5.89 -4.76 -2.13
N HIS A 12 5.85 -6.07 -1.93
CA HIS A 12 6.74 -6.74 -1.00
C HIS A 12 8.05 -7.14 -1.69
N VAL A 13 9.17 -6.90 -1.02
CA VAL A 13 10.47 -7.22 -1.58
C VAL A 13 10.86 -8.66 -1.25
N GLU A 14 10.49 -9.12 -0.06
CA GLU A 14 10.80 -10.47 0.39
C GLU A 14 10.03 -11.52 -0.41
N SER A 15 8.81 -11.17 -0.83
CA SER A 15 7.97 -12.09 -1.58
C SER A 15 7.78 -11.62 -3.03
N GLY A 16 7.93 -10.32 -3.25
CA GLY A 16 7.77 -9.77 -4.58
C GLY A 16 6.31 -9.60 -4.98
N LYS A 17 5.40 -9.94 -4.07
CA LYS A 17 3.97 -9.82 -4.34
C LYS A 17 3.52 -8.37 -4.22
N ILE A 18 2.49 -8.01 -4.97
CA ILE A 18 1.96 -6.65 -4.96
C ILE A 18 0.50 -6.63 -4.51
N LEU A 19 0.24 -5.94 -3.41
CA LEU A 19 -1.12 -5.84 -2.89
C LEU A 19 -1.87 -4.68 -3.53
N THR A 20 -3.12 -4.93 -3.91
CA THR A 20 -3.94 -3.90 -4.54
C THR A 20 -4.63 -3.05 -3.49
N GLY A 21 -5.18 -1.91 -3.90
CA GLY A 21 -5.85 -1.03 -2.96
C GLY A 21 -6.98 -1.72 -2.21
N THR A 22 -7.44 -2.85 -2.72
CA THR A 22 -8.52 -3.60 -2.09
C THR A 22 -8.06 -4.30 -0.82
N ASP A 23 -6.88 -4.93 -0.88
CA ASP A 23 -6.35 -5.65 0.27
C ASP A 23 -5.32 -4.80 1.03
N ALA A 24 -4.72 -3.85 0.33
CA ALA A 24 -3.72 -2.97 0.93
C ALA A 24 -4.32 -2.15 2.08
N PRO A 25 -3.48 -1.72 3.03
CA PRO A 25 -3.93 -0.94 4.19
C PRO A 25 -4.22 0.51 3.81
N LYS A 26 -5.06 1.16 4.61
CA LYS A 26 -5.41 2.56 4.37
C LYS A 26 -4.24 3.47 4.72
N ALA A 27 -4.32 4.72 4.27
CA ALA A 27 -3.26 5.68 4.53
C ALA A 27 -3.10 5.94 6.04
N GLY A 28 -4.20 5.81 6.77
CA GLY A 28 -4.18 6.04 8.20
C GLY A 28 -3.51 4.92 8.98
N GLN A 29 -3.70 3.68 8.53
CA GLN A 29 -3.11 2.52 9.21
C GLN A 29 -1.95 1.94 8.42
N LEU A 30 -1.58 2.59 7.32
CA LEU A 30 -0.48 2.11 6.49
C LEU A 30 0.81 1.98 7.29
N GLU A 31 1.15 3.04 8.02
CA GLU A 31 2.37 3.05 8.83
C GLU A 31 2.41 1.84 9.76
N ALA A 32 1.27 1.52 10.36
CA ALA A 32 1.17 0.38 11.25
C ALA A 32 1.29 -0.93 10.49
N TRP A 33 0.67 -0.97 9.31
CA TRP A 33 0.71 -2.16 8.48
C TRP A 33 2.12 -2.42 7.98
N LEU A 34 2.84 -1.34 7.68
CA LEU A 34 4.22 -1.45 7.21
C LEU A 34 5.13 -1.94 8.33
N GLU A 35 4.91 -1.41 9.53
CA GLU A 35 5.70 -1.80 10.69
C GLU A 35 5.54 -3.30 10.97
N MET A 36 4.29 -3.77 10.85
CA MET A 36 3.99 -5.18 11.08
C MET A 36 4.41 -6.02 9.88
N ASN A 37 4.32 -5.43 8.69
CA ASN A 37 4.70 -6.12 7.47
C ASN A 37 5.85 -5.40 6.77
N PRO A 38 7.08 -5.53 7.29
CA PRO A 38 8.26 -4.88 6.71
C PRO A 38 8.63 -5.46 5.35
N GLY A 39 9.22 -4.61 4.50
CA GLY A 39 9.62 -5.05 3.17
C GLY A 39 8.69 -4.55 2.09
N TYR A 40 7.53 -4.03 2.49
CA TYR A 40 6.56 -3.51 1.53
C TYR A 40 6.83 -2.06 1.19
N GLU A 41 6.31 -1.61 0.05
CA GLU A 41 6.48 -0.23 -0.39
C GLU A 41 5.28 0.22 -1.21
N VAL A 42 4.94 1.50 -1.13
CA VAL A 42 3.79 2.03 -1.88
C VAL A 42 3.91 1.72 -3.36
N ALA A 43 2.86 1.12 -3.92
CA ALA A 43 2.85 0.76 -5.34
C ALA A 43 2.45 1.95 -6.20
N PRO A 44 3.16 2.16 -7.33
CA PRO A 44 2.86 3.27 -8.25
C PRO A 44 1.62 2.99 -9.10
N ARG A 45 1.04 4.06 -9.64
CA ARG A 45 -0.16 3.93 -10.47
C ARG A 45 0.22 3.54 -11.89
N SER A 46 -0.47 2.55 -12.44
CA SER A 46 -0.21 2.07 -13.79
C SER A 46 -0.34 3.21 -14.80
N ASP A 47 -1.26 4.14 -14.53
CA ASP A 47 -1.49 5.27 -15.41
C ASP A 47 -1.35 6.59 -14.65
N SER A 48 -0.85 7.61 -15.33
CA SER A 48 -0.68 8.93 -14.71
C SER A 48 -0.59 10.02 -15.78
N GLU A 49 -0.45 11.26 -15.33
CA GLU A 49 -0.35 12.39 -16.25
C GLU A 49 1.05 13.02 -16.19
N SER A 1 -12.21 11.43 -2.27
CA SER A 1 -11.62 12.63 -1.64
C SER A 1 -10.76 12.25 -0.44
N GLN A 2 -9.75 13.09 -0.15
CA GLN A 2 -8.86 12.84 0.97
C GLN A 2 -8.13 11.51 0.80
N MET A 3 -6.84 11.60 0.46
CA MET A 3 -6.02 10.40 0.27
C MET A 3 -5.97 9.56 1.53
N SER A 4 -6.10 10.22 2.68
CA SER A 4 -6.07 9.53 3.97
C SER A 4 -7.16 8.45 4.04
N ASP A 5 -8.22 8.64 3.28
CA ASP A 5 -9.33 7.68 3.26
C ASP A 5 -9.13 6.65 2.16
N LEU A 6 -8.44 7.04 1.10
CA LEU A 6 -8.19 6.13 -0.02
C LEU A 6 -7.08 5.14 0.31
N PRO A 7 -7.19 3.90 -0.18
CA PRO A 7 -6.19 2.85 0.07
C PRO A 7 -4.95 3.02 -0.79
N VAL A 8 -3.80 2.58 -0.26
CA VAL A 8 -2.54 2.69 -0.98
C VAL A 8 -1.94 1.31 -1.22
N LYS A 9 -1.54 1.04 -2.46
CA LYS A 9 -0.94 -0.25 -2.82
C LYS A 9 0.42 -0.41 -2.16
N VAL A 10 0.91 -1.64 -2.15
CA VAL A 10 2.21 -1.94 -1.57
C VAL A 10 2.80 -3.20 -2.16
N ILE A 11 4.12 -3.22 -2.33
CA ILE A 11 4.80 -4.37 -2.90
C ILE A 11 5.90 -4.89 -1.96
N HIS A 12 5.85 -6.18 -1.67
CA HIS A 12 6.84 -6.80 -0.79
C HIS A 12 8.07 -7.22 -1.58
N VAL A 13 9.25 -6.90 -1.06
CA VAL A 13 10.50 -7.25 -1.72
C VAL A 13 10.96 -8.66 -1.34
N GLU A 14 10.60 -9.08 -0.14
CA GLU A 14 10.97 -10.41 0.34
C GLU A 14 10.24 -11.51 -0.43
N SER A 15 8.98 -11.26 -0.78
CA SER A 15 8.19 -12.23 -1.51
C SER A 15 7.93 -11.76 -2.94
N GLY A 16 7.99 -10.46 -3.16
CA GLY A 16 7.76 -9.91 -4.49
C GLY A 16 6.29 -9.74 -4.81
N LYS A 17 5.43 -9.98 -3.82
CA LYS A 17 3.99 -9.83 -4.01
C LYS A 17 3.59 -8.37 -4.01
N ILE A 18 2.50 -8.06 -4.70
CA ILE A 18 2.01 -6.68 -4.78
C ILE A 18 0.53 -6.61 -4.40
N LEU A 19 0.24 -5.93 -3.29
CA LEU A 19 -1.14 -5.78 -2.83
C LEU A 19 -1.79 -4.58 -3.48
N THR A 20 -3.02 -4.76 -3.96
CA THR A 20 -3.77 -3.68 -4.59
C THR A 20 -4.50 -2.85 -3.56
N GLY A 21 -4.98 -1.68 -3.97
CA GLY A 21 -5.69 -0.81 -3.05
C GLY A 21 -6.92 -1.46 -2.43
N THR A 22 -7.37 -2.57 -3.01
CA THR A 22 -8.54 -3.27 -2.51
C THR A 22 -8.23 -4.07 -1.25
N ASP A 23 -7.09 -4.77 -1.26
CA ASP A 23 -6.69 -5.59 -0.11
C ASP A 23 -5.69 -4.84 0.76
N ALA A 24 -4.95 -3.91 0.16
CA ALA A 24 -3.95 -3.14 0.88
C ALA A 24 -4.59 -2.32 1.99
N PRO A 25 -3.81 -1.95 3.02
CA PRO A 25 -4.30 -1.15 4.15
C PRO A 25 -4.63 0.28 3.74
N LYS A 26 -5.39 0.98 4.59
CA LYS A 26 -5.77 2.35 4.31
C LYS A 26 -4.58 3.28 4.49
N ALA A 27 -4.75 4.54 4.10
CA ALA A 27 -3.69 5.52 4.21
C ALA A 27 -3.28 5.75 5.66
N GLY A 28 -4.27 5.80 6.54
CA GLY A 28 -3.99 6.01 7.96
C GLY A 28 -3.41 4.79 8.65
N GLN A 29 -3.86 3.61 8.25
CA GLN A 29 -3.38 2.37 8.85
C GLN A 29 -2.19 1.79 8.09
N LEU A 30 -1.83 2.42 6.97
CA LEU A 30 -0.71 1.95 6.17
C LEU A 30 0.58 1.92 6.98
N GLU A 31 0.89 3.02 7.65
CA GLU A 31 2.10 3.12 8.47
C GLU A 31 2.20 1.93 9.42
N ALA A 32 1.09 1.59 10.06
CA ALA A 32 1.05 0.48 11.01
C ALA A 32 1.24 -0.85 10.28
N TRP A 33 0.63 -0.97 9.11
CA TRP A 33 0.74 -2.19 8.31
C TRP A 33 2.15 -2.37 7.78
N LEU A 34 2.80 -1.26 7.47
CA LEU A 34 4.17 -1.30 6.95
C LEU A 34 5.14 -1.75 8.03
N GLU A 35 5.02 -1.16 9.22
CA GLU A 35 5.89 -1.51 10.34
C GLU A 35 5.70 -2.98 10.71
N MET A 36 4.45 -3.43 10.70
CA MET A 36 4.14 -4.82 11.02
C MET A 36 4.54 -5.74 9.88
N ASN A 37 4.41 -5.25 8.65
CA ASN A 37 4.76 -6.02 7.47
C ASN A 37 5.94 -5.39 6.75
N PRO A 38 7.16 -5.54 7.30
CA PRO A 38 8.37 -4.98 6.72
C PRO A 38 8.72 -5.60 5.37
N GLY A 39 9.29 -4.80 4.48
CA GLY A 39 9.66 -5.27 3.16
C GLY A 39 8.72 -4.79 2.07
N TYR A 40 7.66 -4.08 2.47
CA TYR A 40 6.69 -3.56 1.51
C TYR A 40 7.03 -2.13 1.12
N GLU A 41 6.54 -1.72 -0.05
CA GLU A 41 6.77 -0.36 -0.55
C GLU A 41 5.55 0.12 -1.31
N VAL A 42 5.27 1.42 -1.22
CA VAL A 42 4.12 2.01 -1.90
C VAL A 42 4.13 1.68 -3.40
N ALA A 43 3.08 1.02 -3.87
CA ALA A 43 2.98 0.65 -5.27
C ALA A 43 2.29 1.75 -6.08
N PRO A 44 2.69 1.92 -7.35
CA PRO A 44 2.10 2.94 -8.23
C PRO A 44 0.57 2.82 -8.32
N ARG A 45 -0.07 3.90 -8.72
CA ARG A 45 -1.53 3.92 -8.85
C ARG A 45 -1.99 2.90 -9.89
N SER A 46 -3.30 2.81 -10.08
CA SER A 46 -3.87 1.87 -11.05
C SER A 46 -3.35 2.16 -12.45
N ASP A 47 -3.08 3.43 -12.73
CA ASP A 47 -2.59 3.84 -14.04
C ASP A 47 -1.12 3.44 -14.22
N SER A 48 -0.91 2.18 -14.58
CA SER A 48 0.45 1.67 -14.78
C SER A 48 0.55 0.91 -16.11
N GLU A 49 1.78 0.55 -16.48
CA GLU A 49 2.01 -0.18 -17.72
C GLU A 49 3.27 -1.02 -17.63
N SER A 1 -14.83 14.36 -1.19
CA SER A 1 -13.85 13.57 -1.98
C SER A 1 -13.39 12.34 -1.21
N GLN A 2 -12.84 12.55 -0.03
CA GLN A 2 -12.36 11.45 0.81
C GLN A 2 -11.28 10.65 0.08
N MET A 3 -10.48 11.34 -0.73
CA MET A 3 -9.41 10.70 -1.48
C MET A 3 -8.26 10.32 -0.55
N SER A 4 -8.06 11.10 0.50
CA SER A 4 -7.00 10.84 1.46
C SER A 4 -7.29 9.58 2.28
N ASP A 5 -8.56 9.20 2.34
CA ASP A 5 -8.97 8.01 3.09
C ASP A 5 -9.00 6.78 2.20
N LEU A 6 -8.34 6.85 1.05
CA LEU A 6 -8.31 5.73 0.12
C LEU A 6 -7.10 4.84 0.39
N PRO A 7 -7.20 3.53 0.07
CA PRO A 7 -6.11 2.57 0.28
C PRO A 7 -4.97 2.77 -0.70
N VAL A 8 -3.75 2.46 -0.26
CA VAL A 8 -2.57 2.61 -1.10
C VAL A 8 -1.89 1.26 -1.32
N LYS A 9 -1.79 0.85 -2.58
CA LYS A 9 -1.16 -0.41 -2.93
C LYS A 9 0.26 -0.48 -2.37
N VAL A 10 0.87 -1.66 -2.48
CA VAL A 10 2.24 -1.85 -1.98
C VAL A 10 2.90 -3.04 -2.67
N ILE A 11 4.23 -3.07 -2.63
CA ILE A 11 4.99 -4.15 -3.23
C ILE A 11 5.91 -4.80 -2.21
N HIS A 12 5.82 -6.12 -2.10
CA HIS A 12 6.66 -6.87 -1.15
C HIS A 12 7.94 -7.34 -1.82
N VAL A 13 9.07 -7.06 -1.20
CA VAL A 13 10.36 -7.46 -1.73
C VAL A 13 10.75 -8.86 -1.28
N GLU A 14 10.25 -9.25 -0.10
CA GLU A 14 10.55 -10.56 0.45
C GLU A 14 9.88 -11.67 -0.36
N SER A 15 8.67 -11.40 -0.84
CA SER A 15 7.92 -12.39 -1.62
C SER A 15 7.74 -11.93 -3.07
N GLY A 16 7.80 -10.62 -3.29
CA GLY A 16 7.64 -10.09 -4.63
C GLY A 16 6.18 -9.89 -5.00
N LYS A 17 5.28 -10.11 -4.05
CA LYS A 17 3.85 -9.95 -4.29
C LYS A 17 3.46 -8.48 -4.30
N ILE A 18 2.34 -8.17 -4.95
CA ILE A 18 1.85 -6.80 -5.05
C ILE A 18 0.41 -6.70 -4.55
N LEU A 19 0.21 -5.97 -3.46
CA LEU A 19 -1.13 -5.80 -2.90
C LEU A 19 -1.81 -4.58 -3.49
N THR A 20 -3.04 -4.77 -3.95
CA THR A 20 -3.82 -3.67 -4.54
C THR A 20 -4.54 -2.90 -3.44
N GLY A 21 -5.05 -1.72 -3.78
CA GLY A 21 -5.76 -0.91 -2.81
C GLY A 21 -6.85 -1.68 -2.08
N THR A 22 -7.29 -2.78 -2.66
CA THR A 22 -8.34 -3.60 -2.06
C THR A 22 -7.84 -4.32 -0.80
N ASP A 23 -6.64 -4.89 -0.89
CA ASP A 23 -6.05 -5.61 0.23
C ASP A 23 -5.07 -4.75 1.01
N ALA A 24 -4.52 -3.73 0.34
CA ALA A 24 -3.56 -2.84 0.96
C ALA A 24 -4.17 -2.10 2.15
N PRO A 25 -3.33 -1.64 3.09
CA PRO A 25 -3.79 -0.92 4.28
C PRO A 25 -4.21 0.52 3.97
N LYS A 26 -4.93 1.13 4.88
CA LYS A 26 -5.39 2.51 4.71
C LYS A 26 -4.23 3.48 4.86
N ALA A 27 -4.50 4.77 4.64
CA ALA A 27 -3.47 5.79 4.76
C ALA A 27 -2.91 5.85 6.18
N GLY A 28 -3.81 5.90 7.16
CA GLY A 28 -3.38 5.96 8.54
C GLY A 28 -2.86 4.62 9.06
N GLN A 29 -3.47 3.54 8.61
CA GLN A 29 -3.07 2.20 9.03
C GLN A 29 -1.84 1.72 8.28
N LEU A 30 -1.48 2.42 7.21
CA LEU A 30 -0.32 2.05 6.40
C LEU A 30 0.95 1.97 7.26
N GLU A 31 1.17 3.00 8.08
CA GLU A 31 2.34 3.04 8.94
C GLU A 31 2.44 1.79 9.80
N ALA A 32 1.36 1.45 10.47
CA ALA A 32 1.31 0.26 11.32
C ALA A 32 1.40 -1.01 10.49
N TRP A 33 0.81 -0.97 9.29
CA TRP A 33 0.82 -2.12 8.41
C TRP A 33 2.23 -2.41 7.90
N LEU A 34 2.97 -1.34 7.61
CA LEU A 34 4.34 -1.47 7.12
C LEU A 34 5.25 -1.98 8.22
N GLU A 35 5.08 -1.44 9.43
CA GLU A 35 5.87 -1.86 10.57
C GLU A 35 5.66 -3.35 10.87
N MET A 36 4.41 -3.78 10.74
CA MET A 36 4.07 -5.18 10.99
C MET A 36 4.46 -6.05 9.80
N ASN A 37 4.31 -5.51 8.60
CA ASN A 37 4.65 -6.23 7.38
C ASN A 37 5.88 -5.64 6.71
N PRO A 38 7.08 -5.96 7.24
CA PRO A 38 8.34 -5.46 6.68
C PRO A 38 8.65 -6.04 5.31
N GLY A 39 9.29 -5.24 4.47
CA GLY A 39 9.63 -5.69 3.12
C GLY A 39 8.73 -5.10 2.06
N TYR A 40 7.62 -4.48 2.49
CA TYR A 40 6.68 -3.88 1.55
C TYR A 40 7.07 -2.44 1.25
N GLU A 41 6.52 -1.91 0.16
CA GLU A 41 6.80 -0.53 -0.25
C GLU A 41 5.60 0.08 -0.97
N VAL A 42 5.39 1.38 -0.77
CA VAL A 42 4.27 2.07 -1.41
C VAL A 42 4.33 1.94 -2.92
N ALA A 43 3.21 1.55 -3.52
CA ALA A 43 3.13 1.39 -4.98
C ALA A 43 2.77 2.71 -5.65
N PRO A 44 3.41 3.04 -6.79
CA PRO A 44 3.15 4.28 -7.52
C PRO A 44 1.80 4.24 -8.25
N ARG A 45 1.26 5.43 -8.52
CA ARG A 45 -0.02 5.54 -9.21
C ARG A 45 0.18 6.07 -10.63
N SER A 46 -0.44 5.39 -11.60
CA SER A 46 -0.33 5.79 -13.00
C SER A 46 -1.40 6.81 -13.35
N ASP A 47 -2.56 6.69 -12.72
CA ASP A 47 -3.67 7.61 -12.97
C ASP A 47 -3.51 8.89 -12.15
N SER A 48 -3.77 10.02 -12.81
CA SER A 48 -3.65 11.33 -12.14
C SER A 48 -5.01 12.01 -12.05
N GLU A 49 -5.69 12.13 -13.19
CA GLU A 49 -7.00 12.76 -13.23
C GLU A 49 -8.03 11.86 -13.90
#